data_6BTW
#
_entry.id   6BTW
#
_cell.length_a   92.576
_cell.length_b   97.562
_cell.length_c   193.284
_cell.angle_alpha   90.00
_cell.angle_beta   90.00
_cell.angle_gamma   90.00
#
_symmetry.space_group_name_H-M   'P 21 21 21'
#
loop_
_entity.id
_entity.type
_entity.pdbx_description
1 polymer 'Serine/threonine-protein kinase VRK1'
2 non-polymer 'CHLORIDE ION'
3 non-polymer 2-[(3,5-difluoro-4-hydroxyphenyl)amino]-8-phenyl-7,8-dihydropteridin-6(5H)-one
4 non-polymer 'SULFATE ION'
5 non-polymer GLYCEROL
6 water water
#
_entity_poly.entity_id   1
_entity_poly.type   'polypeptide(L)'
_entity_poly.pdbx_seq_one_letter_code
;SMRVKAAQAGRQSSAKRHLAEQFAVGEIITDMAAAAWKVGLPIGQGGFGCIYLADMNSSESVGSDAPCVVKVEPSDNGPL
FTELKFYQRAAKPEQIQKWIRTRKLKYLGVPKYWGSGLHDKNGKSYRFMIMDRFGSDLQKIYEANAKRFSRKTVLQLSLR
ILDILEYIHEHEYVHGDIKASNLLLNYKNPDQVYLVDYGLAYRYCPEGVHKAYAADPKRCHDGTIEFTSIDAHNGVAPSR
RGDLEILGYCMIQWLTGHLPWEDNLKDPKYVRDSKIRYRENIASLMDKCFPAANAPGEIAKYMETVKLLDYTEKPLYENL
RDILLQGLKAIGSKDDGKLDLSVVENGGLKAKTITKKRAAEIEE
;
_entity_poly.pdbx_strand_id   A,B,C,D
#
loop_
_chem_comp.id
_chem_comp.type
_chem_comp.name
_chem_comp.formula
CL non-polymer 'CHLORIDE ION' 'Cl -1'
E8D non-polymer 2-[(3,5-difluoro-4-hydroxyphenyl)amino]-8-phenyl-7,8-dihydropteridin-6(5H)-one 'C18 H13 F2 N5 O2'
GOL non-polymer GLYCEROL 'C3 H8 O3'
SO4 non-polymer 'SULFATE ION' 'O4 S -2'
#
# COMPACT_ATOMS: atom_id res chain seq x y z
N ALA A 20 6.70 31.97 48.75
CA ALA A 20 6.01 31.06 49.73
C ALA A 20 6.66 29.69 49.70
N GLU A 21 7.15 29.24 50.87
CA GLU A 21 7.88 27.98 50.96
C GLU A 21 6.91 26.82 50.77
N GLN A 22 7.30 25.86 49.94
CA GLN A 22 6.41 24.74 49.62
C GLN A 22 6.63 23.56 50.54
N PHE A 23 7.84 23.44 51.08
CA PHE A 23 8.16 22.37 51.98
C PHE A 23 8.78 22.87 53.26
N ALA A 24 8.79 21.99 54.25
CA ALA A 24 9.68 22.08 55.41
C ALA A 24 10.91 21.21 55.10
N VAL A 25 12.09 21.79 55.08
CA VAL A 25 13.30 21.08 54.67
C VAL A 25 13.55 19.86 55.53
N GLY A 26 13.76 18.73 54.87
CA GLY A 26 13.96 17.45 55.55
C GLY A 26 12.68 16.68 55.77
N GLU A 27 11.52 17.25 55.40
CA GLU A 27 10.28 16.52 55.60
C GLU A 27 10.24 15.34 54.63
N ILE A 28 9.44 14.34 54.98
CA ILE A 28 9.27 13.13 54.19
C ILE A 28 7.98 13.31 53.42
N ILE A 29 8.06 13.14 52.11
CA ILE A 29 6.85 13.24 51.28
C ILE A 29 6.66 11.88 50.64
N THR A 30 5.41 11.52 50.44
CA THR A 30 5.03 10.22 49.94
C THR A 30 4.29 10.41 48.62
N ASP A 31 4.76 9.74 47.58
CA ASP A 31 4.16 9.89 46.25
C ASP A 31 2.91 9.00 46.07
N MET A 32 2.27 9.09 44.90
CA MET A 32 1.04 8.34 44.63
C MET A 32 1.22 6.82 44.68
N ALA A 33 2.43 6.35 44.44
CA ALA A 33 2.75 4.92 44.54
C ALA A 33 3.13 4.48 45.93
N ALA A 34 2.97 5.36 46.92
CA ALA A 34 3.39 5.19 48.32
C ALA A 34 4.90 5.05 48.55
N ALA A 35 5.71 5.49 47.59
CA ALA A 35 7.15 5.54 47.76
C ALA A 35 7.49 6.83 48.55
N ALA A 36 8.38 6.69 49.54
CA ALA A 36 8.78 7.81 50.40
C ALA A 36 10.10 8.47 49.98
N TRP A 37 10.11 9.79 50.09
CA TRP A 37 11.22 10.66 49.69
C TRP A 37 11.42 11.75 50.76
N LYS A 38 12.64 12.25 50.83
CA LYS A 38 13.00 13.34 51.71
C LYS A 38 13.44 14.51 50.86
N VAL A 39 13.09 15.73 51.29
CA VAL A 39 13.31 16.96 50.58
C VAL A 39 14.51 17.66 51.14
N GLY A 40 15.36 18.20 50.25
CA GLY A 40 16.53 18.96 50.68
C GLY A 40 16.54 20.36 50.14
N LEU A 41 17.74 20.90 49.99
CA LEU A 41 17.91 22.30 49.56
C LEU A 41 17.63 22.53 48.09
N PRO A 42 17.33 23.78 47.70
CA PRO A 42 17.13 24.09 46.28
C PRO A 42 18.38 23.84 45.40
N ILE A 43 18.19 23.50 44.12
CA ILE A 43 19.29 23.16 43.18
C ILE A 43 19.01 23.78 41.83
N GLY A 49 12.28 27.30 37.91
CA GLY A 49 11.56 26.30 38.70
C GLY A 49 11.87 26.31 40.20
N CYS A 50 10.87 25.92 41.00
CA CYS A 50 11.11 25.45 42.39
C CYS A 50 11.53 23.98 42.30
N ILE A 51 12.80 23.77 42.49
CA ILE A 51 13.38 22.45 42.34
C ILE A 51 14.28 22.28 43.50
N TYR A 52 14.11 21.17 44.22
CA TYR A 52 14.92 20.86 45.40
C TYR A 52 15.57 19.51 45.23
N LEU A 53 16.70 19.33 45.89
CA LEU A 53 17.32 18.03 46.01
C LEU A 53 16.40 17.05 46.75
N ALA A 54 16.45 15.78 46.34
CA ALA A 54 15.60 14.74 46.94
C ALA A 54 16.30 13.42 46.94
N ASP A 55 16.00 12.63 47.95
CA ASP A 55 16.52 11.30 48.03
C ASP A 55 15.44 10.42 48.65
N MET A 56 15.68 9.13 48.61
CA MET A 56 14.81 8.15 49.25
C MET A 56 14.78 8.42 50.73
N ASN A 57 13.68 8.07 51.38
CA ASN A 57 13.53 8.31 52.80
C ASN A 57 14.55 7.46 53.57
N SER A 58 15.23 8.09 54.52
CA SER A 58 16.17 7.39 55.43
C SER A 58 16.37 8.27 56.67
N SER A 59 17.13 7.77 57.64
CA SER A 59 17.52 8.59 58.79
C SER A 59 18.48 9.74 58.39
N GLU A 60 19.21 9.59 57.28
CA GLU A 60 20.15 10.61 56.79
C GLU A 60 19.43 11.85 56.23
N SER A 61 20.12 12.99 56.27
CA SER A 61 19.66 14.20 55.58
C SER A 61 19.91 14.04 54.09
N VAL A 62 19.15 14.78 53.30
CA VAL A 62 19.39 14.87 51.88
C VAL A 62 20.62 15.73 51.65
N GLY A 63 21.65 15.16 51.01
CA GLY A 63 22.93 15.84 50.79
C GLY A 63 23.04 16.51 49.43
N SER A 64 24.13 17.26 49.22
CA SER A 64 24.40 17.87 47.91
C SER A 64 24.76 16.87 46.80
N ASP A 65 24.96 15.61 47.15
CA ASP A 65 25.09 14.53 46.15
C ASP A 65 23.78 13.72 45.95
N ALA A 66 22.63 14.27 46.34
CA ALA A 66 21.38 13.55 46.14
C ALA A 66 21.22 13.07 44.68
N PRO A 67 20.71 11.86 44.48
CA PRO A 67 20.50 11.33 43.14
C PRO A 67 19.23 11.86 42.42
N CYS A 68 18.33 12.55 43.13
CA CYS A 68 17.10 13.03 42.50
C CYS A 68 16.87 14.47 42.83
N VAL A 69 15.90 15.03 42.13
CA VAL A 69 15.30 16.31 42.47
C VAL A 69 13.79 16.15 42.60
N VAL A 70 13.18 17.10 43.29
CA VAL A 70 11.76 17.23 43.32
C VAL A 70 11.41 18.60 42.75
N LYS A 71 10.57 18.59 41.72
CA LYS A 71 9.99 19.78 41.15
C LYS A 71 8.62 19.94 41.75
N VAL A 72 8.27 21.15 42.14
CA VAL A 72 7.01 21.43 42.79
C VAL A 72 6.49 22.77 42.30
N GLU A 73 5.23 22.77 41.89
CA GLU A 73 4.54 23.93 41.37
C GLU A 73 3.10 23.87 41.84
N PRO A 74 2.41 25.01 41.80
CA PRO A 74 0.99 24.96 42.09
C PRO A 74 0.29 23.95 41.19
N SER A 75 -0.75 23.31 41.73
CA SER A 75 -1.49 22.27 41.01
C SER A 75 -2.16 22.80 39.74
N ASP A 76 -2.44 24.10 39.68
CA ASP A 76 -2.94 24.69 38.44
C ASP A 76 -1.84 25.11 37.45
N ASN A 77 -0.55 24.91 37.77
CA ASN A 77 0.54 25.21 36.82
C ASN A 77 0.44 24.26 35.60
N GLY A 78 0.23 24.84 34.44
CA GLY A 78 0.04 24.04 33.22
C GLY A 78 1.27 23.28 32.78
N PRO A 79 2.43 23.95 32.71
CA PRO A 79 3.63 23.24 32.26
C PRO A 79 4.03 22.03 33.12
N LEU A 80 3.90 22.09 34.44
CA LEU A 80 4.29 20.94 35.23
C LEU A 80 3.34 19.77 34.96
N PHE A 81 2.06 20.05 34.71
CA PHE A 81 1.11 19.00 34.36
C PHE A 81 1.51 18.38 33.01
N THR A 82 1.76 19.23 32.02
CA THR A 82 2.20 18.74 30.71
C THR A 82 3.43 17.87 30.82
N GLU A 83 4.37 18.34 31.62
CA GLU A 83 5.65 17.67 31.76
C GLU A 83 5.46 16.32 32.45
N LEU A 84 4.67 16.34 33.51
CA LEU A 84 4.40 15.12 34.25
C LEU A 84 3.74 14.09 33.35
N LYS A 85 2.78 14.51 32.53
CA LYS A 85 2.13 13.57 31.60
C LYS A 85 3.13 12.98 30.61
N PHE A 86 4.05 13.83 30.14
CA PHE A 86 5.09 13.32 29.25
C PHE A 86 5.89 12.20 29.94
N TYR A 87 6.39 12.53 31.13
CA TYR A 87 7.23 11.59 31.89
C TYR A 87 6.47 10.29 32.25
N GLN A 88 5.21 10.40 32.62
CA GLN A 88 4.41 9.19 32.89
C GLN A 88 4.14 8.35 31.67
N ARG A 89 3.95 8.98 30.52
CA ARG A 89 3.64 8.27 29.29
C ARG A 89 4.89 7.68 28.62
N ALA A 90 6.02 8.38 28.70
CA ALA A 90 7.18 8.05 27.90
C ALA A 90 8.48 7.77 28.66
N ALA A 91 8.58 8.09 29.94
CA ALA A 91 9.86 8.02 30.61
C ALA A 91 9.87 7.11 31.85
N LYS A 92 9.06 6.06 31.81
CA LYS A 92 9.05 5.08 32.92
C LYS A 92 10.35 4.31 32.85
N PRO A 93 11.00 4.09 34.02
CA PRO A 93 12.34 3.51 33.98
C PRO A 93 12.49 2.27 33.11
N GLU A 94 11.53 1.36 33.16
CA GLU A 94 11.61 0.09 32.43
C GLU A 94 11.33 0.27 30.94
N GLN A 95 10.44 1.19 30.61
CA GLN A 95 10.13 1.59 29.23
C GLN A 95 11.40 2.08 28.50
N ILE A 96 12.17 2.90 29.19
CA ILE A 96 13.44 3.39 28.67
C ILE A 96 14.42 2.22 28.55
N GLN A 97 14.51 1.40 29.59
CA GLN A 97 15.49 0.31 29.56
C GLN A 97 15.20 -0.67 28.46
N LYS A 98 13.94 -1.01 28.23
CA LYS A 98 13.57 -1.88 27.11
C LYS A 98 14.02 -1.30 25.77
N TRP A 99 13.82 0.00 25.57
CA TRP A 99 14.23 0.64 24.30
C TRP A 99 15.74 0.56 24.11
N ILE A 100 16.47 0.85 25.18
CA ILE A 100 17.94 0.79 25.18
C ILE A 100 18.42 -0.61 24.72
N ARG A 101 17.85 -1.65 25.34
CA ARG A 101 18.21 -3.03 24.99
C ARG A 101 17.88 -3.36 23.55
N THR A 102 16.65 -3.14 23.12
CA THR A 102 16.21 -3.48 21.77
C THR A 102 16.96 -2.69 20.67
N ARG A 103 17.27 -1.41 20.89
CA ARG A 103 18.00 -0.59 19.90
CA ARG A 103 18.00 -0.57 19.92
C ARG A 103 19.52 -0.62 20.13
N LYS A 104 19.98 -1.40 21.11
CA LYS A 104 21.42 -1.56 21.38
C LYS A 104 22.15 -0.22 21.61
N LEU A 105 21.57 0.63 22.44
CA LEU A 105 22.18 1.91 22.78
C LEU A 105 23.08 1.72 23.98
N LYS A 106 24.02 2.60 24.18
CA LYS A 106 24.78 2.65 25.43
C LYS A 106 23.93 3.23 26.56
N TYR A 107 23.08 4.20 26.22
CA TYR A 107 22.23 4.90 27.18
C TYR A 107 21.22 5.68 26.34
N LEU A 108 20.22 6.25 27.00
CA LEU A 108 19.26 7.15 26.33
C LEU A 108 19.07 8.38 27.18
N GLY A 109 19.35 9.55 26.61
CA GLY A 109 19.29 10.79 27.37
C GLY A 109 17.88 11.35 27.61
N VAL A 110 16.93 10.50 27.96
CA VAL A 110 15.62 10.94 28.45
C VAL A 110 15.64 10.73 29.97
N PRO A 111 15.39 11.79 30.75
CA PRO A 111 15.40 11.65 32.20
C PRO A 111 14.37 10.63 32.67
N LYS A 112 14.70 9.91 33.73
CA LYS A 112 13.76 8.96 34.31
C LYS A 112 12.78 9.61 35.29
N TYR A 113 11.56 9.12 35.22
CA TYR A 113 10.43 9.47 36.07
C TYR A 113 10.43 8.50 37.26
N TRP A 114 10.54 9.04 38.47
CA TRP A 114 10.56 8.21 39.69
C TRP A 114 9.31 8.27 40.54
N GLY A 115 8.45 9.26 40.33
CA GLY A 115 7.19 9.32 41.03
C GLY A 115 6.63 10.71 41.00
N SER A 116 5.41 10.83 41.50
CA SER A 116 4.75 12.13 41.61
C SER A 116 3.67 12.08 42.63
N GLY A 117 3.17 13.25 42.98
CA GLY A 117 2.02 13.33 43.85
C GLY A 117 1.47 14.72 44.04
N LEU A 118 0.70 14.87 45.09
CA LEU A 118 0.01 16.10 45.41
C LEU A 118 0.32 16.46 46.84
N HIS A 119 0.60 17.74 47.09
CA HIS A 119 1.14 18.22 48.35
C HIS A 119 0.41 19.50 48.67
N ASP A 120 -0.26 19.49 49.81
CA ASP A 120 -1.02 20.66 50.26
C ASP A 120 -0.19 21.36 51.33
N LYS A 121 -0.17 22.69 51.26
CA LYS A 121 0.52 23.46 52.28
C LYS A 121 -0.13 24.81 52.45
N ASN A 122 -0.54 25.11 53.69
CA ASN A 122 -1.08 26.45 54.02
C ASN A 122 -2.26 26.85 53.12
N GLY A 123 -3.16 25.89 52.93
CA GLY A 123 -4.34 26.09 52.09
C GLY A 123 -4.13 26.15 50.60
N LYS A 124 -2.90 25.90 50.10
CA LYS A 124 -2.61 25.91 48.68
C LYS A 124 -2.28 24.48 48.23
N SER A 125 -2.63 24.16 47.00
CA SER A 125 -2.42 22.82 46.42
C SER A 125 -1.27 22.84 45.44
N TYR A 126 -0.30 21.96 45.65
CA TYR A 126 0.87 21.79 44.81
C TYR A 126 0.90 20.41 44.18
N ARG A 127 1.64 20.29 43.08
CA ARG A 127 1.95 19.04 42.41
C ARG A 127 3.44 18.88 42.54
N PHE A 128 3.91 17.66 42.78
CA PHE A 128 5.34 17.39 42.77
C PHE A 128 5.71 16.20 41.91
N MET A 129 6.94 16.20 41.45
CA MET A 129 7.44 15.16 40.58
C MET A 129 8.89 14.90 40.95
N ILE A 130 9.25 13.61 41.09
CA ILE A 130 10.60 13.21 41.43
C ILE A 130 11.27 12.72 40.16
N MET A 131 12.44 13.29 39.87
CA MET A 131 13.22 12.99 38.64
C MET A 131 14.69 12.77 38.96
N ASP A 132 15.43 12.19 38.03
CA ASP A 132 16.89 12.17 38.06
C ASP A 132 17.43 13.57 38.38
N ARG A 133 18.50 13.61 39.16
CA ARG A 133 19.32 14.78 39.31
C ARG A 133 20.47 14.73 38.27
N PHE A 134 20.83 15.88 37.71
CA PHE A 134 21.89 16.01 36.70
C PHE A 134 23.03 16.92 37.15
N GLY A 135 24.15 16.84 36.43
CA GLY A 135 25.22 17.84 36.54
C GLY A 135 24.97 19.06 35.68
N SER A 136 26.05 19.64 35.16
CA SER A 136 25.98 20.91 34.46
C SER A 136 25.16 20.86 33.18
N ASP A 137 24.52 21.99 32.89
CA ASP A 137 23.94 22.23 31.57
C ASP A 137 25.09 22.50 30.57
N LEU A 138 24.82 22.27 29.27
CA LEU A 138 25.83 22.53 28.23
C LEU A 138 26.09 24.01 27.99
N GLN A 139 25.16 24.90 28.34
CA GLN A 139 25.34 26.33 28.02
C GLN A 139 26.51 26.88 28.83
N LYS A 140 26.57 26.51 30.13
CA LYS A 140 27.66 26.92 31.03
C LYS A 140 29.02 26.46 30.48
N ILE A 141 29.11 25.21 30.03
CA ILE A 141 30.35 24.65 29.51
C ILE A 141 30.74 25.32 28.17
N TYR A 142 29.74 25.49 27.31
CA TYR A 142 29.95 26.22 26.03
C TYR A 142 30.55 27.62 26.25
N GLU A 143 29.97 28.37 27.17
CA GLU A 143 30.39 29.72 27.46
C GLU A 143 31.77 29.76 28.11
N ALA A 144 32.08 28.73 28.91
CA ALA A 144 33.41 28.56 29.51
C ALA A 144 34.47 28.14 28.50
N ASN A 145 34.05 27.63 27.34
CA ASN A 145 34.93 27.32 26.22
C ASN A 145 34.93 28.46 25.16
N ALA A 146 34.69 29.69 25.59
CA ALA A 146 34.53 30.88 24.73
C ALA A 146 33.56 30.65 23.56
N LYS A 147 32.43 30.02 23.87
CA LYS A 147 31.36 29.79 22.91
C LYS A 147 31.76 29.01 21.66
N ARG A 148 32.49 27.92 21.87
CA ARG A 148 32.72 26.93 20.83
C ARG A 148 32.66 25.56 21.43
N PHE A 149 32.11 24.63 20.66
CA PHE A 149 32.40 23.22 20.81
C PHE A 149 33.12 22.75 19.57
N SER A 150 33.96 21.75 19.75
CA SER A 150 34.67 21.16 18.65
C SER A 150 33.74 20.38 17.77
N ARG A 151 34.22 20.13 16.56
CA ARG A 151 33.49 19.30 15.61
C ARG A 151 33.21 17.89 16.17
N LYS A 152 34.20 17.29 16.82
CA LYS A 152 34.00 16.00 17.51
C LYS A 152 32.88 16.13 18.56
N THR A 153 32.95 17.14 19.39
CA THR A 153 31.93 17.34 20.42
C THR A 153 30.52 17.49 19.79
N VAL A 154 30.40 18.34 18.77
CA VAL A 154 29.13 18.62 18.15
C VAL A 154 28.55 17.36 17.53
N LEU A 155 29.36 16.56 16.85
CA LEU A 155 28.84 15.36 16.21
C LEU A 155 28.40 14.33 17.28
N GLN A 156 29.20 14.21 18.33
CA GLN A 156 28.90 13.25 19.41
C GLN A 156 27.64 13.67 20.21
N LEU A 157 27.49 14.96 20.49
CA LEU A 157 26.25 15.50 21.09
C LEU A 157 25.06 15.19 20.21
N SER A 158 25.19 15.47 18.92
CA SER A 158 24.10 15.40 17.97
C SER A 158 23.63 14.00 17.71
N LEU A 159 24.55 13.05 17.66
CA LEU A 159 24.17 11.65 17.55
C LEU A 159 23.25 11.22 18.72
N ARG A 160 23.59 11.63 19.93
CA ARG A 160 22.82 11.26 21.13
C ARG A 160 21.48 12.02 21.18
N ILE A 161 21.47 13.26 20.69
CA ILE A 161 20.22 14.02 20.60
C ILE A 161 19.27 13.39 19.54
N LEU A 162 19.85 12.87 18.45
CA LEU A 162 19.06 12.11 17.47
C LEU A 162 18.42 10.84 18.05
N ASP A 163 19.13 10.15 18.93
CA ASP A 163 18.56 8.99 19.64
C ASP A 163 17.36 9.44 20.52
N ILE A 164 17.55 10.55 21.23
CA ILE A 164 16.53 11.13 22.12
C ILE A 164 15.30 11.54 21.29
N LEU A 165 15.54 12.26 20.18
CA LEU A 165 14.42 12.75 19.39
C LEU A 165 13.66 11.62 18.77
N GLU A 166 14.35 10.60 18.27
CA GLU A 166 13.69 9.46 17.69
C GLU A 166 12.77 8.81 18.73
N TYR A 167 13.30 8.66 19.95
CA TYR A 167 12.52 8.06 21.03
C TYR A 167 11.27 8.88 21.36
N ILE A 168 11.43 10.16 21.66
CA ILE A 168 10.24 10.96 22.02
C ILE A 168 9.23 11.06 20.91
N HIS A 169 9.71 11.20 19.66
CA HIS A 169 8.83 11.24 18.48
C HIS A 169 8.04 9.95 18.33
N GLU A 170 8.71 8.80 18.55
CA GLU A 170 8.05 7.50 18.49
C GLU A 170 7.03 7.31 19.62
N HIS A 171 7.13 8.14 20.67
CA HIS A 171 6.18 8.16 21.78
C HIS A 171 5.29 9.38 21.76
N GLU A 172 5.10 9.94 20.56
CA GLU A 172 4.05 10.90 20.22
C GLU A 172 4.29 12.36 20.55
N TYR A 173 5.52 12.67 20.98
CA TYR A 173 5.89 14.00 21.39
C TYR A 173 7.04 14.62 20.60
N VAL A 174 6.99 15.93 20.43
CA VAL A 174 8.14 16.71 20.02
C VAL A 174 8.51 17.65 21.15
N HIS A 175 9.80 17.88 21.26
CA HIS A 175 10.35 18.81 22.28
C HIS A 175 10.06 20.32 21.90
N GLY A 176 10.28 20.68 20.61
CA GLY A 176 10.11 22.05 20.14
C GLY A 176 11.06 23.16 20.73
N ASP A 177 12.10 22.81 21.49
CA ASP A 177 12.99 23.81 22.23
C ASP A 177 14.44 23.29 22.61
N ILE A 178 15.06 22.51 21.70
CA ILE A 178 16.38 21.92 21.95
C ILE A 178 17.34 23.09 21.97
N LYS A 179 18.21 23.08 22.96
CA LYS A 179 19.24 24.09 23.10
C LYS A 179 20.15 23.70 24.25
N ALA A 180 21.32 24.34 24.33
CA ALA A 180 22.34 23.89 25.26
C ALA A 180 21.92 24.02 26.74
N SER A 181 21.11 25.02 27.07
CA SER A 181 20.62 25.17 28.46
C SER A 181 19.59 24.07 28.86
N ASN A 182 19.05 23.36 27.87
CA ASN A 182 18.17 22.16 28.09
C ASN A 182 18.88 20.83 27.91
N LEU A 183 20.21 20.85 27.87
CA LEU A 183 20.97 19.67 27.70
C LEU A 183 21.86 19.56 28.93
N LEU A 184 21.63 18.52 29.74
CA LEU A 184 22.36 18.34 31.00
C LEU A 184 23.20 17.07 30.97
N LEU A 185 24.33 17.12 31.68
CA LEU A 185 25.19 15.95 31.76
C LEU A 185 24.73 15.06 32.89
N ASN A 186 24.84 13.76 32.71
CA ASN A 186 24.73 12.77 33.79
C ASN A 186 25.67 13.21 34.94
N TYR A 187 25.10 13.27 36.15
CA TYR A 187 25.81 13.74 37.34
C TYR A 187 27.10 12.95 37.59
N LYS A 188 27.11 11.68 37.22
CA LYS A 188 28.22 10.79 37.48
C LYS A 188 28.94 10.37 36.19
N ASN A 189 28.57 10.92 35.02
CA ASN A 189 29.20 10.52 33.77
C ASN A 189 29.13 11.67 32.74
N PRO A 190 30.23 12.41 32.55
CA PRO A 190 30.20 13.59 31.65
C PRO A 190 30.23 13.29 30.15
N ASP A 191 30.16 12.03 29.77
CA ASP A 191 29.95 11.63 28.40
C ASP A 191 28.48 11.30 28.04
N GLN A 192 27.55 11.51 28.99
CA GLN A 192 26.13 11.17 28.74
C GLN A 192 25.35 12.45 28.87
N VAL A 193 24.69 12.85 27.78
CA VAL A 193 23.92 14.09 27.78
C VAL A 193 22.44 13.72 27.71
N TYR A 194 21.65 14.49 28.44
CA TYR A 194 20.20 14.33 28.52
C TYR A 194 19.46 15.59 28.08
N LEU A 195 18.35 15.41 27.39
CA LEU A 195 17.45 16.50 27.03
C LEU A 195 16.37 16.66 28.10
N VAL A 196 16.25 17.84 28.69
CA VAL A 196 15.27 18.12 29.75
C VAL A 196 14.25 19.19 29.31
N ASP A 197 13.28 19.40 30.19
CA ASP A 197 12.24 20.41 30.10
C ASP A 197 11.18 20.06 29.05
N TYR A 198 10.10 19.44 29.54
CA TYR A 198 9.02 19.01 28.68
C TYR A 198 7.74 19.76 29.07
N GLY A 199 7.87 20.90 29.76
CA GLY A 199 6.71 21.67 30.21
C GLY A 199 5.90 22.29 29.09
N LEU A 200 6.61 22.59 28.00
CA LEU A 200 6.01 23.06 26.77
C LEU A 200 6.25 22.07 25.62
N ALA A 201 6.41 20.80 25.93
CA ALA A 201 6.45 19.78 24.88
C ALA A 201 5.07 19.64 24.26
N TYR A 202 5.02 19.00 23.13
CA TYR A 202 3.81 18.95 22.35
C TYR A 202 3.56 17.56 21.84
N ARG A 203 2.36 17.08 22.14
CA ARG A 203 1.93 15.78 21.67
C ARG A 203 1.39 15.92 20.24
N TYR A 204 2.29 15.70 19.25
CA TYR A 204 2.01 15.95 17.83
C TYR A 204 1.18 14.83 17.20
N CYS A 205 1.18 13.63 17.79
CA CYS A 205 0.58 12.46 17.17
C CYS A 205 -0.25 11.65 18.18
N PRO A 206 -1.18 12.29 18.93
CA PRO A 206 -1.87 11.50 20.00
C PRO A 206 -2.67 10.35 19.42
N GLU A 207 -2.48 9.16 19.99
CA GLU A 207 -3.11 7.94 19.49
C GLU A 207 -2.81 7.68 18.00
N GLY A 208 -1.63 8.09 17.55
CA GLY A 208 -1.23 7.88 16.13
C GLY A 208 -1.86 8.78 15.07
N VAL A 209 -2.57 9.80 15.51
CA VAL A 209 -3.23 10.75 14.63
C VAL A 209 -2.42 12.06 14.59
N HIS A 210 -1.68 12.25 13.51
CA HIS A 210 -0.82 13.45 13.35
C HIS A 210 -1.66 14.71 13.31
N LYS A 211 -1.23 15.75 14.02
CA LYS A 211 -1.90 17.05 13.95
C LYS A 211 -1.78 17.63 12.56
N ALA A 212 -2.75 18.44 12.21
CA ALA A 212 -2.79 19.05 10.89
C ALA A 212 -1.90 20.29 10.85
N TYR A 213 -1.58 20.71 9.63
CA TYR A 213 -0.75 21.87 9.40
C TYR A 213 -1.50 23.14 9.75
N ALA A 214 -1.48 23.52 11.02
CA ALA A 214 -2.26 24.66 11.50
C ALA A 214 -1.82 25.01 12.91
N ALA A 215 -2.16 26.21 13.37
CA ALA A 215 -1.99 26.52 14.79
C ALA A 215 -2.81 25.56 15.67
N ASP A 216 -2.31 25.32 16.87
CA ASP A 216 -3.07 24.71 17.93
C ASP A 216 -3.46 25.85 18.87
N PRO A 217 -4.77 26.08 19.07
CA PRO A 217 -5.17 27.11 20.05
C PRO A 217 -4.70 26.82 21.48
N LYS A 218 -4.68 25.54 21.87
CA LYS A 218 -4.18 25.14 23.20
C LYS A 218 -2.65 25.32 23.45
N ARG A 219 -1.85 25.67 22.42
CA ARG A 219 -0.39 25.91 22.56
C ARG A 219 -0.01 27.37 22.23
N CYS A 220 0.66 28.02 23.17
CA CYS A 220 1.10 29.42 23.03
C CYS A 220 2.57 29.60 22.68
N HIS A 221 3.41 28.60 22.98
CA HIS A 221 4.86 28.72 22.88
C HIS A 221 5.36 28.60 21.43
N ASP A 222 6.38 29.40 21.13
CA ASP A 222 7.00 29.52 19.79
C ASP A 222 8.45 29.00 19.74
N GLY A 223 8.92 28.38 20.85
CA GLY A 223 10.30 27.96 21.02
C GLY A 223 11.19 29.13 21.45
N THR A 224 12.50 28.99 21.26
CA THR A 224 13.46 30.03 21.54
C THR A 224 13.81 30.64 20.15
N ILE A 225 13.67 31.96 20.05
CA ILE A 225 13.59 32.60 18.74
C ILE A 225 14.78 32.27 17.80
N GLU A 226 15.99 32.33 18.31
CA GLU A 226 17.16 32.10 17.49
C GLU A 226 17.27 30.69 16.99
N PHE A 227 16.67 29.70 17.69
CA PHE A 227 16.75 28.29 17.29
C PHE A 227 15.50 27.69 16.73
N THR A 228 14.35 28.37 16.87
CA THR A 228 13.08 27.72 16.56
C THR A 228 12.93 27.43 15.06
N SER A 229 12.01 26.56 14.75
CA SER A 229 11.72 26.13 13.40
C SER A 229 10.91 27.14 12.58
N ILE A 230 11.08 27.05 11.28
CA ILE A 230 10.28 27.83 10.32
C ILE A 230 8.77 27.55 10.54
N ASP A 231 8.40 26.28 10.71
CA ASP A 231 7.03 25.92 11.11
C ASP A 231 6.50 26.73 12.28
N ALA A 232 7.27 26.75 13.37
CA ALA A 232 6.90 27.57 14.54
C ALA A 232 6.78 29.04 14.18
N HIS A 233 7.76 29.58 13.45
CA HIS A 233 7.65 30.96 12.97
C HIS A 233 6.41 31.22 12.13
N ASN A 234 5.95 30.23 11.38
CA ASN A 234 4.74 30.36 10.57
C ASN A 234 3.42 30.16 11.38
N GLY A 235 3.55 29.97 12.68
CA GLY A 235 2.43 29.85 13.61
C GLY A 235 1.73 28.52 13.51
N VAL A 236 2.43 27.47 13.09
CA VAL A 236 1.82 26.15 13.14
C VAL A 236 2.41 25.38 14.30
N ALA A 237 1.67 24.36 14.71
CA ALA A 237 2.14 23.46 15.77
C ALA A 237 3.46 22.80 15.37
N PRO A 238 4.34 22.60 16.34
CA PRO A 238 5.59 21.95 16.03
C PRO A 238 5.42 20.48 15.66
N SER A 239 6.27 19.98 14.74
CA SER A 239 6.29 18.59 14.36
C SER A 239 7.73 18.05 14.32
N ARG A 240 7.91 16.88 13.77
CA ARG A 240 9.20 16.18 13.88
C ARG A 240 10.30 16.89 13.11
N ARG A 241 9.99 17.38 11.90
CA ARG A 241 10.99 18.09 11.13
C ARG A 241 11.50 19.32 11.86
N GLY A 242 10.62 20.02 12.58
CA GLY A 242 10.97 21.19 13.35
C GLY A 242 12.04 20.89 14.40
N ASP A 243 11.89 19.77 15.12
CA ASP A 243 12.91 19.39 16.12
C ASP A 243 14.29 19.19 15.44
N LEU A 244 14.28 18.57 14.27
CA LEU A 244 15.53 18.28 13.59
C LEU A 244 16.13 19.59 13.06
N GLU A 245 15.29 20.51 12.62
CA GLU A 245 15.77 21.80 12.16
C GLU A 245 16.36 22.63 13.30
N ILE A 246 15.72 22.56 14.49
CA ILE A 246 16.24 23.23 15.67
C ILE A 246 17.67 22.74 16.00
N LEU A 247 17.83 21.42 16.01
CA LEU A 247 19.14 20.80 16.24
C LEU A 247 20.19 21.29 15.22
N GLY A 248 19.78 21.39 13.96
CA GLY A 248 20.59 22.01 12.90
C GLY A 248 21.14 23.35 13.27
N TYR A 249 20.27 24.26 13.71
CA TYR A 249 20.69 25.59 14.15
C TYR A 249 21.59 25.56 15.38
N CYS A 250 21.28 24.66 16.35
CA CYS A 250 22.17 24.48 17.47
C CYS A 250 23.59 24.10 16.99
N MET A 251 23.67 23.16 16.08
CA MET A 251 24.96 22.64 15.59
C MET A 251 25.85 23.78 15.06
N ILE A 252 25.25 24.68 14.31
CA ILE A 252 25.95 25.83 13.74
C ILE A 252 26.38 26.79 14.84
N GLN A 253 25.46 27.10 15.77
CA GLN A 253 25.77 27.92 16.92
C GLN A 253 26.97 27.38 17.69
N TRP A 254 26.95 26.07 17.92
CA TRP A 254 27.98 25.41 18.70
C TRP A 254 29.35 25.42 17.99
N LEU A 255 29.32 25.15 16.69
CA LEU A 255 30.54 25.07 15.89
C LEU A 255 31.20 26.43 15.71
N THR A 256 30.41 27.49 15.59
CA THR A 256 30.91 28.78 15.13
C THR A 256 30.83 29.91 16.13
N GLY A 257 30.04 29.73 17.19
CA GLY A 257 29.79 30.79 18.12
C GLY A 257 28.69 31.74 17.71
N HIS A 258 28.10 31.54 16.54
CA HIS A 258 27.18 32.53 15.97
C HIS A 258 26.08 31.90 15.15
N LEU A 259 25.00 32.66 14.95
CA LEU A 259 24.03 32.46 13.88
C LEU A 259 23.80 33.80 13.14
N PRO A 260 23.48 33.74 11.85
CA PRO A 260 23.38 34.96 11.01
C PRO A 260 22.38 36.00 11.50
N TRP A 261 21.30 35.54 12.15
CA TRP A 261 20.18 36.39 12.55
C TRP A 261 20.25 36.84 14.00
N GLU A 262 21.37 36.57 14.69
CA GLU A 262 21.51 36.82 16.12
C GLU A 262 21.49 38.29 16.56
N ASP A 263 21.72 39.21 15.63
CA ASP A 263 21.66 40.62 15.98
C ASP A 263 20.28 41.19 15.71
N ASN A 264 19.31 40.37 15.31
CA ASN A 264 17.98 40.87 14.99
C ASN A 264 16.87 40.10 15.69
N LEU A 265 17.16 39.62 16.89
CA LEU A 265 16.26 38.66 17.57
C LEU A 265 14.98 39.33 18.09
N LYS A 266 15.01 40.64 18.31
CA LYS A 266 13.81 41.40 18.60
C LYS A 266 12.82 41.49 17.43
N ASP A 267 13.22 41.14 16.20
CA ASP A 267 12.27 41.10 15.07
C ASP A 267 12.07 39.69 14.52
N PRO A 268 11.00 39.00 14.96
CA PRO A 268 10.71 37.66 14.41
C PRO A 268 10.51 37.59 12.93
N LYS A 269 9.99 38.64 12.28
CA LYS A 269 9.84 38.62 10.83
C LYS A 269 11.20 38.47 10.15
N TYR A 270 12.20 39.16 10.69
CA TYR A 270 13.57 39.12 10.19
C TYR A 270 14.18 37.72 10.35
N VAL A 271 14.05 37.18 11.55
CA VAL A 271 14.57 35.84 11.85
C VAL A 271 13.92 34.81 10.93
N ARG A 272 12.60 34.85 10.76
CA ARG A 272 11.96 33.90 9.87
C ARG A 272 12.44 34.07 8.43
N ASP A 273 12.45 35.32 7.96
CA ASP A 273 12.97 35.61 6.60
C ASP A 273 14.35 35.00 6.37
N SER A 274 15.28 35.21 7.29
CA SER A 274 16.63 34.69 7.09
C SER A 274 16.67 33.18 7.05
N LYS A 275 15.94 32.53 7.95
CA LYS A 275 15.88 31.08 7.97
C LYS A 275 15.26 30.52 6.71
N ILE A 276 14.21 31.15 6.21
CA ILE A 276 13.61 30.69 4.96
C ILE A 276 14.57 30.77 3.76
N ARG A 277 15.23 31.91 3.63
CA ARG A 277 16.16 32.14 2.51
C ARG A 277 17.39 31.21 2.61
N TYR A 278 17.93 31.07 3.82
CA TYR A 278 19.04 30.11 4.06
C TYR A 278 18.68 28.67 3.86
N ARG A 279 17.41 28.31 4.09
CA ARG A 279 16.95 26.98 3.81
C ARG A 279 16.84 26.74 2.31
N GLU A 280 16.34 27.72 1.61
CA GLU A 280 16.27 27.65 0.17
C GLU A 280 17.70 27.55 -0.47
N ASN A 281 18.71 28.14 0.14
CA ASN A 281 20.10 28.11 -0.38
C ASN A 281 21.08 27.77 0.75
N ILE A 282 21.21 26.48 1.03
CA ILE A 282 22.06 26.01 2.14
C ILE A 282 23.54 26.32 1.88
N ALA A 283 23.96 26.32 0.62
CA ALA A 283 25.33 26.75 0.27
C ALA A 283 25.63 28.15 0.80
N SER A 284 24.68 29.08 0.70
CA SER A 284 24.91 30.42 1.22
C SER A 284 24.99 30.45 2.73
N LEU A 285 24.24 29.57 3.40
CA LEU A 285 24.38 29.47 4.84
C LEU A 285 25.77 28.99 5.23
N MET A 286 26.25 27.99 4.53
CA MET A 286 27.59 27.47 4.82
C MET A 286 28.65 28.57 4.59
N ASP A 287 28.50 29.35 3.52
CA ASP A 287 29.43 30.49 3.24
C ASP A 287 29.37 31.56 4.29
N LYS A 288 28.16 31.85 4.77
CA LYS A 288 28.00 32.82 5.83
C LYS A 288 28.62 32.38 7.14
N CYS A 289 28.41 31.12 7.52
CA CYS A 289 28.70 30.66 8.89
C CYS A 289 30.15 30.17 9.13
N PHE A 290 30.77 29.69 8.07
CA PHE A 290 32.07 29.06 8.14
C PHE A 290 33.09 29.82 7.28
N PRO A 291 34.38 29.76 7.65
CA PRO A 291 35.43 30.37 6.81
C PRO A 291 35.35 29.86 5.37
N ALA A 292 35.81 30.69 4.45
CA ALA A 292 35.62 30.41 3.06
C ALA A 292 36.23 29.06 2.71
N ALA A 293 35.52 28.27 1.92
CA ALA A 293 35.93 26.92 1.45
C ALA A 293 36.27 25.92 2.57
N ASN A 294 35.77 26.17 3.77
CA ASN A 294 36.12 25.34 4.91
C ASN A 294 34.87 25.05 5.79
N ALA A 295 33.78 24.65 5.14
CA ALA A 295 32.53 24.27 5.83
C ALA A 295 32.49 22.75 6.08
N PRO A 296 32.01 22.34 7.26
CA PRO A 296 31.87 20.91 7.48
C PRO A 296 30.70 20.31 6.69
N GLY A 297 31.03 19.40 5.78
CA GLY A 297 30.10 18.91 4.79
C GLY A 297 28.92 18.13 5.36
N GLU A 298 29.17 17.39 6.44
CA GLU A 298 28.04 16.70 7.12
C GLU A 298 26.94 17.65 7.60
N ILE A 299 27.26 18.89 7.97
CA ILE A 299 26.24 19.82 8.45
C ILE A 299 25.33 20.23 7.29
N ALA A 300 25.92 20.55 6.15
CA ALA A 300 25.14 20.82 4.96
C ALA A 300 24.28 19.65 4.54
N LYS A 301 24.81 18.42 4.57
CA LYS A 301 24.04 17.25 4.15
C LYS A 301 22.85 17.01 5.09
N TYR A 302 23.09 17.25 6.38
CA TYR A 302 22.08 17.12 7.43
C TYR A 302 20.94 18.08 7.13
N MET A 303 21.26 19.36 6.89
N MET A 303 21.24 19.36 6.87
CA MET A 303 20.28 20.42 6.61
CA MET A 303 20.23 20.37 6.62
C MET A 303 19.51 20.10 5.35
C MET A 303 19.50 20.11 5.33
N GLU A 304 20.20 19.61 4.32
CA GLU A 304 19.55 19.21 3.03
C GLU A 304 18.57 18.06 3.24
N THR A 305 18.91 17.11 4.10
CA THR A 305 18.02 15.97 4.35
C THR A 305 16.77 16.39 5.11
N VAL A 306 16.97 17.23 6.11
CA VAL A 306 15.85 17.79 6.88
C VAL A 306 14.94 18.64 6.00
N LYS A 307 15.53 19.41 5.08
CA LYS A 307 14.78 20.21 4.14
C LYS A 307 13.80 19.38 3.31
N LEU A 308 14.12 18.12 3.04
CA LEU A 308 13.22 17.26 2.25
C LEU A 308 12.01 16.68 3.00
N LEU A 309 11.92 16.87 4.31
CA LEU A 309 10.76 16.35 5.07
C LEU A 309 9.51 17.19 4.91
N ASP A 310 8.39 16.51 4.71
CA ASP A 310 7.07 17.13 4.78
C ASP A 310 6.67 17.28 6.24
N TYR A 311 5.66 18.11 6.48
CA TYR A 311 5.28 18.45 7.83
C TYR A 311 4.91 17.21 8.65
N THR A 312 4.27 16.22 8.02
CA THR A 312 3.81 15.01 8.76
C THR A 312 4.74 13.85 8.59
N GLU A 313 5.87 14.03 7.92
CA GLU A 313 6.68 12.88 7.50
C GLU A 313 7.53 12.33 8.63
N LYS A 314 7.63 11.01 8.69
CA LYS A 314 8.54 10.36 9.62
C LYS A 314 9.98 10.50 9.14
N PRO A 315 10.88 11.12 9.95
CA PRO A 315 12.30 11.19 9.56
C PRO A 315 12.97 9.83 9.49
N LEU A 316 13.97 9.72 8.60
CA LEU A 316 14.84 8.55 8.59
C LEU A 316 16.03 8.90 9.47
N TYR A 317 15.85 8.64 10.77
CA TYR A 317 16.81 9.02 11.80
C TYR A 317 18.14 8.33 11.60
N GLU A 318 18.10 7.09 11.12
CA GLU A 318 19.34 6.34 10.95
C GLU A 318 20.19 6.94 9.83
N ASN A 319 19.56 7.45 8.77
CA ASN A 319 20.24 8.18 7.69
C ASN A 319 20.87 9.48 8.18
N LEU A 320 20.15 10.21 9.02
CA LEU A 320 20.72 11.39 9.65
C LEU A 320 21.91 11.05 10.52
N ARG A 321 21.82 9.98 11.29
CA ARG A 321 22.97 9.57 12.11
C ARG A 321 24.18 9.14 11.22
N ASP A 322 23.89 8.41 10.15
CA ASP A 322 24.90 8.05 9.15
C ASP A 322 25.62 9.27 8.58
N ILE A 323 24.87 10.32 8.25
CA ILE A 323 25.48 11.59 7.82
C ILE A 323 26.49 12.14 8.84
N LEU A 324 26.12 12.12 10.13
CA LEU A 324 27.00 12.63 11.17
C LEU A 324 28.18 11.66 11.38
N LEU A 325 27.91 10.36 11.29
CA LEU A 325 28.94 9.33 11.40
C LEU A 325 29.96 9.49 10.26
N GLN A 326 29.50 9.89 9.06
CA GLN A 326 30.44 10.18 7.94
C GLN A 326 31.36 11.37 8.31
N GLY A 327 30.85 12.36 9.03
CA GLY A 327 31.67 13.45 9.59
C GLY A 327 32.71 13.03 10.62
N LEU A 328 32.39 12.05 11.45
CA LEU A 328 33.40 11.58 12.38
C LEU A 328 34.53 10.85 11.63
N LYS A 329 34.19 10.04 10.64
CA LYS A 329 35.21 9.35 9.77
C LYS A 329 36.11 10.38 9.09
N ALA A 330 35.48 11.41 8.52
CA ALA A 330 36.19 12.51 7.86
C ALA A 330 37.23 13.21 8.73
N ILE A 331 36.97 13.33 10.03
CA ILE A 331 37.95 13.93 10.94
C ILE A 331 38.85 12.89 11.61
N GLY A 332 38.85 11.66 11.10
CA GLY A 332 39.67 10.58 11.67
C GLY A 332 39.24 10.04 13.02
N SER A 333 37.94 10.07 13.30
CA SER A 333 37.45 9.57 14.58
C SER A 333 36.37 8.57 14.31
N LYS A 334 35.61 8.25 15.35
CA LYS A 334 34.53 7.28 15.28
C LYS A 334 33.55 7.55 16.44
N ASP A 335 32.39 6.94 16.38
CA ASP A 335 31.45 7.11 17.51
C ASP A 335 31.89 6.20 18.65
N ASP A 336 32.73 6.77 19.50
CA ASP A 336 33.20 6.11 20.69
C ASP A 336 32.51 6.67 21.93
N GLY A 337 31.45 7.47 21.77
CA GLY A 337 30.71 8.01 22.90
C GLY A 337 31.38 9.10 23.70
N LYS A 338 32.57 9.58 23.28
CA LYS A 338 33.28 10.58 24.05
C LYS A 338 32.86 11.97 23.57
N LEU A 339 32.32 12.79 24.48
CA LEU A 339 31.84 14.13 24.15
C LEU A 339 32.94 15.17 24.14
N ASP A 340 34.07 14.83 24.76
CA ASP A 340 35.29 15.66 24.73
C ASP A 340 35.04 17.07 25.21
N LEU A 341 34.45 17.17 26.40
CA LEU A 341 34.17 18.44 27.05
C LEU A 341 35.24 18.68 28.14
N PHE B 23 29.08 4.25 -39.41
CA PHE B 23 28.89 2.88 -38.82
C PHE B 23 27.94 2.04 -39.69
N ALA B 24 28.22 0.74 -39.78
CA ALA B 24 27.42 -0.18 -40.59
C ALA B 24 26.77 -1.23 -39.70
N VAL B 25 25.61 -1.75 -40.11
CA VAL B 25 24.86 -2.73 -39.30
C VAL B 25 25.77 -3.93 -38.93
N GLY B 26 25.80 -4.28 -37.65
CA GLY B 26 26.67 -5.34 -37.15
C GLY B 26 28.03 -4.90 -36.62
N GLU B 27 28.52 -3.70 -37.00
CA GLU B 27 29.86 -3.24 -36.56
C GLU B 27 30.05 -3.33 -35.04
N ILE B 28 31.17 -3.90 -34.60
CA ILE B 28 31.42 -4.11 -33.18
C ILE B 28 32.17 -2.90 -32.65
N ILE B 29 31.64 -2.25 -31.60
CA ILE B 29 32.28 -1.09 -30.96
C ILE B 29 32.51 -1.38 -29.48
N THR B 30 33.60 -0.84 -28.93
CA THR B 30 33.97 -1.10 -27.54
C THR B 30 34.04 0.23 -26.77
N ASP B 31 33.29 0.32 -25.67
CA ASP B 31 33.25 1.53 -24.84
C ASP B 31 34.44 1.59 -23.86
N MET B 32 34.53 2.68 -23.09
CA MET B 32 35.65 2.90 -22.15
C MET B 32 35.73 1.90 -21.00
N ALA B 33 34.64 1.20 -20.71
CA ALA B 33 34.63 0.12 -19.72
C ALA B 33 34.91 -1.25 -20.34
N ALA B 34 35.49 -1.25 -21.55
CA ALA B 34 35.79 -2.47 -22.30
C ALA B 34 34.58 -3.35 -22.65
N ALA B 35 33.36 -2.85 -22.45
CA ALA B 35 32.15 -3.56 -22.82
C ALA B 35 31.88 -3.33 -24.29
N ALA B 36 31.48 -4.39 -25.00
CA ALA B 36 31.31 -4.38 -26.45
C ALA B 36 29.84 -4.31 -26.85
N TRP B 37 29.55 -3.55 -27.92
CA TRP B 37 28.19 -3.26 -28.39
C TRP B 37 28.09 -3.56 -29.89
N LYS B 38 26.90 -4.00 -30.35
CA LYS B 38 26.61 -4.21 -31.78
C LYS B 38 25.67 -3.14 -32.30
N VAL B 39 26.05 -2.51 -33.41
CA VAL B 39 25.30 -1.44 -34.06
C VAL B 39 24.15 -2.04 -34.90
N GLY B 40 22.97 -1.40 -34.88
CA GLY B 40 21.80 -1.78 -35.70
C GLY B 40 21.45 -0.73 -36.76
N LEU B 41 20.21 -0.76 -37.24
CA LEU B 41 19.73 0.17 -38.29
C LEU B 41 19.71 1.62 -37.80
N PRO B 42 19.97 2.61 -38.70
CA PRO B 42 19.86 4.04 -38.32
C PRO B 42 18.40 4.54 -38.11
N ILE B 43 18.24 5.66 -37.39
CA ILE B 43 16.92 6.14 -36.92
C ILE B 43 16.77 7.66 -36.92
N CYS B 50 24.70 11.18 -36.72
CA CYS B 50 23.91 9.98 -36.94
C CYS B 50 23.65 9.22 -35.65
N ILE B 51 22.48 8.56 -35.59
CA ILE B 51 22.08 7.75 -34.42
C ILE B 51 21.55 6.39 -34.91
N TYR B 52 21.96 5.32 -34.23
CA TYR B 52 21.57 3.95 -34.58
C TYR B 52 21.03 3.21 -33.36
N LEU B 53 20.23 2.17 -33.59
CA LEU B 53 19.94 1.19 -32.53
C LEU B 53 21.21 0.45 -32.11
N ALA B 54 21.15 -0.17 -30.94
CA ALA B 54 22.31 -0.83 -30.39
C ALA B 54 21.96 -1.81 -29.28
N ASP B 55 22.82 -2.82 -29.09
CA ASP B 55 22.70 -3.74 -27.95
C ASP B 55 24.05 -4.35 -27.55
N MET B 56 24.12 -4.88 -26.32
CA MET B 56 25.25 -5.71 -25.86
C MET B 56 25.50 -6.81 -26.88
N ASN B 57 26.78 -7.04 -27.19
CA ASN B 57 27.19 -8.00 -28.23
C ASN B 57 26.59 -9.40 -28.00
N SER B 58 26.08 -10.01 -29.09
CA SER B 58 25.43 -11.34 -29.05
C SER B 58 25.47 -11.97 -30.44
N SER B 64 15.22 -4.95 -33.83
CA SER B 64 14.12 -4.01 -33.82
C SER B 64 13.67 -3.72 -32.39
N ASP B 65 13.73 -4.72 -31.50
CA ASP B 65 13.33 -4.58 -30.08
C ASP B 65 14.46 -4.02 -29.17
N ALA B 66 15.41 -3.29 -29.75
CA ALA B 66 16.69 -2.97 -29.09
C ALA B 66 16.50 -1.95 -27.95
N PRO B 67 17.20 -2.17 -26.81
CA PRO B 67 17.01 -1.35 -25.62
C PRO B 67 17.87 -0.06 -25.57
N CYS B 68 18.77 0.14 -26.53
CA CYS B 68 19.72 1.24 -26.53
C CYS B 68 19.87 1.82 -27.92
N VAL B 69 20.53 2.97 -27.98
CA VAL B 69 20.90 3.62 -29.21
C VAL B 69 22.32 4.10 -29.08
N VAL B 70 22.98 4.33 -30.21
CA VAL B 70 24.32 4.88 -30.22
C VAL B 70 24.37 6.14 -31.06
N LYS B 71 24.85 7.22 -30.45
CA LYS B 71 25.04 8.49 -31.12
C LYS B 71 26.51 8.51 -31.52
N VAL B 72 26.79 8.99 -32.72
CA VAL B 72 28.13 9.01 -33.30
C VAL B 72 28.40 10.35 -33.98
N GLU B 73 29.59 10.90 -33.74
CA GLU B 73 30.12 12.04 -34.50
C GLU B 73 31.61 11.79 -34.81
N PRO B 74 32.24 12.64 -35.65
CA PRO B 74 33.71 12.57 -35.83
C PRO B 74 34.53 13.05 -34.63
N GLY B 78 32.12 18.95 -31.74
CA GLY B 78 30.66 18.95 -31.96
C GLY B 78 29.79 18.91 -30.70
N PRO B 79 28.46 18.83 -30.88
CA PRO B 79 27.48 18.74 -29.76
C PRO B 79 27.68 17.52 -28.84
N LEU B 80 28.01 16.37 -29.41
CA LEU B 80 28.18 15.12 -28.65
C LEU B 80 29.20 15.23 -27.53
N PHE B 81 30.24 16.03 -27.76
CA PHE B 81 31.26 16.25 -26.75
C PHE B 81 30.70 16.95 -25.50
N THR B 82 29.86 17.96 -25.72
CA THR B 82 29.17 18.67 -24.65
C THR B 82 28.20 17.74 -23.91
N GLU B 83 27.44 17.00 -24.70
CA GLU B 83 26.49 16.05 -24.17
C GLU B 83 27.18 15.03 -23.26
N LEU B 84 28.33 14.51 -23.71
CA LEU B 84 29.11 13.57 -22.92
C LEU B 84 29.56 14.15 -21.59
N LYS B 85 30.04 15.39 -21.62
CA LYS B 85 30.48 16.08 -20.39
C LYS B 85 29.31 16.25 -19.43
N PHE B 86 28.15 16.65 -19.96
CA PHE B 86 26.92 16.71 -19.15
C PHE B 86 26.66 15.37 -18.47
N TYR B 87 26.61 14.27 -19.23
CA TYR B 87 26.24 12.97 -18.59
C TYR B 87 27.25 12.53 -17.55
N GLN B 88 28.51 12.78 -17.82
CA GLN B 88 29.58 12.34 -16.92
C GLN B 88 29.69 13.19 -15.65
N ARG B 89 29.30 14.46 -15.72
CA ARG B 89 29.34 15.33 -14.57
C ARG B 89 28.03 15.29 -13.78
N ALA B 90 26.91 15.39 -14.49
CA ALA B 90 25.62 15.75 -13.90
C ALA B 90 24.59 14.64 -13.89
N ALA B 91 24.76 13.62 -14.74
CA ALA B 91 23.65 12.65 -14.96
C ALA B 91 24.10 11.21 -15.05
N LYS B 92 24.97 10.85 -14.12
CA LYS B 92 25.35 9.48 -13.90
C LYS B 92 24.14 8.77 -13.25
N PRO B 93 23.91 7.48 -13.62
CA PRO B 93 22.83 6.65 -13.04
C PRO B 93 22.69 6.74 -11.53
N GLU B 94 23.83 6.79 -10.83
CA GLU B 94 23.89 6.91 -9.39
C GLU B 94 23.27 8.24 -8.89
N GLN B 95 23.54 9.34 -9.60
CA GLN B 95 22.96 10.65 -9.25
C GLN B 95 21.46 10.69 -9.49
N ILE B 96 21.04 10.13 -10.62
CA ILE B 96 19.62 10.04 -10.94
C ILE B 96 18.82 9.20 -9.90
N GLN B 97 19.34 8.03 -9.56
CA GLN B 97 18.67 7.14 -8.62
C GLN B 97 18.61 7.77 -7.24
N LYS B 98 19.69 8.43 -6.83
CA LYS B 98 19.68 9.14 -5.57
C LYS B 98 18.58 10.19 -5.56
N TRP B 99 18.46 10.96 -6.65
CA TRP B 99 17.44 11.99 -6.71
C TRP B 99 16.05 11.40 -6.70
N ILE B 100 15.81 10.35 -7.47
CA ILE B 100 14.49 9.71 -7.47
C ILE B 100 14.05 9.27 -6.03
N ARG B 101 14.96 8.67 -5.29
CA ARG B 101 14.72 8.24 -3.90
C ARG B 101 14.44 9.41 -2.97
N THR B 102 15.38 10.37 -2.91
CA THR B 102 15.29 11.47 -1.95
C THR B 102 14.12 12.38 -2.24
N ARG B 103 13.74 12.57 -3.51
CA ARG B 103 12.62 13.46 -3.86
CA ARG B 103 12.63 13.45 -3.86
C ARG B 103 11.29 12.71 -3.97
N LYS B 104 11.32 11.40 -3.73
CA LYS B 104 10.11 10.58 -3.67
C LYS B 104 9.35 10.59 -5.01
N LEU B 105 10.11 10.41 -6.10
CA LEU B 105 9.57 10.42 -7.46
C LEU B 105 9.25 9.00 -7.93
N LYS B 106 8.30 8.91 -8.86
CA LYS B 106 7.94 7.66 -9.50
C LYS B 106 9.00 7.34 -10.56
N TYR B 107 9.47 8.36 -11.26
CA TYR B 107 10.58 8.21 -12.18
C TYR B 107 11.21 9.62 -12.43
N LEU B 108 12.33 9.65 -13.13
CA LEU B 108 12.88 10.95 -13.60
C LEU B 108 13.25 10.84 -15.06
N GLY B 109 12.72 11.78 -15.85
CA GLY B 109 12.93 11.80 -17.28
C GLY B 109 14.25 12.30 -17.83
N VAL B 110 15.34 11.90 -17.20
CA VAL B 110 16.67 12.12 -17.73
C VAL B 110 17.14 10.77 -18.29
N PRO B 111 17.57 10.72 -19.56
CA PRO B 111 17.95 9.43 -20.14
C PRO B 111 19.10 8.75 -19.41
N LYS B 112 19.11 7.42 -19.43
CA LYS B 112 20.27 6.65 -18.96
C LYS B 112 21.41 6.62 -19.96
N TYR B 113 22.58 7.06 -19.48
CA TYR B 113 23.85 6.98 -20.17
C TYR B 113 24.44 5.59 -19.83
N TRP B 114 24.76 4.80 -20.87
CA TRP B 114 25.26 3.41 -20.71
C TRP B 114 26.76 3.29 -20.90
N GLY B 115 27.34 4.14 -21.75
CA GLY B 115 28.77 4.17 -21.98
C GLY B 115 29.14 5.02 -23.16
N SER B 116 30.43 5.12 -23.42
CA SER B 116 30.94 5.94 -24.51
C SER B 116 32.34 5.50 -24.88
N GLY B 117 32.84 5.97 -26.00
CA GLY B 117 34.19 5.66 -26.41
C GLY B 117 34.60 6.31 -27.70
N LEU B 118 35.68 5.77 -28.24
CA LEU B 118 36.27 6.25 -29.47
C LEU B 118 36.38 5.01 -30.35
N HIS B 119 35.91 5.09 -31.58
CA HIS B 119 35.95 3.97 -32.52
C HIS B 119 36.73 4.38 -33.77
N ASP B 120 37.71 3.55 -34.16
CA ASP B 120 38.57 3.82 -35.32
C ASP B 120 37.97 3.18 -36.58
N LYS B 121 37.86 3.95 -37.67
CA LYS B 121 37.43 3.42 -38.97
C LYS B 121 37.74 4.41 -40.10
N TYR B 126 36.03 8.20 -34.34
CA TYR B 126 34.61 8.54 -34.11
C TYR B 126 34.22 8.45 -32.63
N ARG B 127 33.77 9.57 -32.06
CA ARG B 127 33.25 9.58 -30.70
C ARG B 127 31.82 9.04 -30.70
N PHE B 128 31.51 8.16 -29.75
CA PHE B 128 30.17 7.60 -29.64
C PHE B 128 29.68 7.56 -28.20
N MET B 129 28.36 7.55 -28.05
CA MET B 129 27.71 7.50 -26.76
C MET B 129 26.52 6.53 -26.85
N ILE B 130 26.40 5.64 -25.87
CA ILE B 130 25.31 4.64 -25.76
C ILE B 130 24.26 5.14 -24.76
N MET B 131 23.04 5.34 -25.24
CA MET B 131 21.94 5.94 -24.47
C MET B 131 20.75 5.00 -24.48
N ASP B 132 19.77 5.22 -23.61
CA ASP B 132 18.48 4.54 -23.72
C ASP B 132 17.86 4.65 -25.14
N ARG B 133 17.17 3.59 -25.57
CA ARG B 133 16.25 3.65 -26.70
C ARG B 133 14.88 4.00 -26.16
N PHE B 134 14.25 5.01 -26.73
CA PHE B 134 12.88 5.44 -26.36
C PHE B 134 11.81 5.09 -27.43
N GLY B 135 10.55 5.31 -27.09
CA GLY B 135 9.43 5.25 -28.01
C GLY B 135 9.29 6.55 -28.80
N SER B 136 8.05 6.98 -29.01
CA SER B 136 7.74 8.14 -29.87
C SER B 136 8.15 9.44 -29.25
N ASP B 137 8.50 10.42 -30.09
CA ASP B 137 8.56 11.81 -29.62
C ASP B 137 7.15 12.39 -29.53
N LEU B 138 6.99 13.43 -28.75
CA LEU B 138 5.68 14.05 -28.61
C LEU B 138 5.23 14.86 -29.83
N GLN B 139 6.18 15.32 -30.66
CA GLN B 139 5.83 16.14 -31.83
C GLN B 139 4.98 15.31 -32.81
N LYS B 140 5.35 14.04 -33.04
CA LYS B 140 4.52 13.11 -33.87
C LYS B 140 3.09 13.01 -33.33
N ILE B 141 2.97 12.73 -32.03
CA ILE B 141 1.66 12.50 -31.38
C ILE B 141 0.81 13.77 -31.40
N TYR B 142 1.45 14.90 -31.12
CA TYR B 142 0.82 16.22 -31.22
C TYR B 142 0.20 16.46 -32.60
N GLU B 143 1.00 16.23 -33.64
CA GLU B 143 0.57 16.37 -35.04
C GLU B 143 -0.57 15.40 -35.42
N ALA B 144 -0.47 14.14 -34.98
CA ALA B 144 -1.56 13.16 -35.12
C ALA B 144 -2.84 13.54 -34.37
N ASN B 145 -2.74 14.37 -33.33
CA ASN B 145 -3.92 14.87 -32.61
C ASN B 145 -4.35 16.25 -33.11
N ALA B 146 -3.98 16.58 -34.35
CA ALA B 146 -4.30 17.86 -35.01
C ALA B 146 -3.74 19.08 -34.25
N LYS B 147 -2.50 18.93 -33.83
CA LYS B 147 -1.74 19.99 -33.14
C LYS B 147 -2.49 20.50 -31.90
N ARG B 148 -2.94 19.56 -31.07
CA ARG B 148 -3.52 19.84 -29.76
C ARG B 148 -3.15 18.76 -28.77
N PHE B 149 -2.93 19.20 -27.52
CA PHE B 149 -2.97 18.35 -26.33
C PHE B 149 -3.96 18.97 -25.43
N SER B 150 -4.63 18.12 -24.67
CA SER B 150 -5.64 18.55 -23.71
C SER B 150 -4.96 19.24 -22.54
N ARG B 151 -5.72 20.03 -21.81
CA ARG B 151 -5.26 20.69 -20.60
C ARG B 151 -4.67 19.72 -19.56
N LYS B 152 -5.38 18.60 -19.36
CA LYS B 152 -4.89 17.48 -18.55
C LYS B 152 -3.51 17.03 -18.95
N THR B 153 -3.35 16.71 -20.22
CA THR B 153 -2.08 16.20 -20.77
C THR B 153 -0.92 17.20 -20.60
N VAL B 154 -1.22 18.46 -20.92
CA VAL B 154 -0.21 19.54 -20.89
C VAL B 154 0.29 19.72 -19.46
N LEU B 155 -0.65 19.75 -18.51
CA LEU B 155 -0.30 19.85 -17.09
C LEU B 155 0.54 18.68 -16.60
N GLN B 156 0.18 17.47 -17.03
CA GLN B 156 0.86 16.26 -16.60
C GLN B 156 2.26 16.22 -17.19
N LEU B 157 2.37 16.58 -18.47
CA LEU B 157 3.69 16.68 -19.11
C LEU B 157 4.58 17.68 -18.40
N SER B 158 4.04 18.85 -18.12
CA SER B 158 4.80 19.99 -17.57
C SER B 158 5.25 19.74 -16.12
N LEU B 159 4.42 19.03 -15.32
CA LEU B 159 4.87 18.57 -14.00
C LEU B 159 6.10 17.72 -14.07
N ARG B 160 6.14 16.79 -15.03
CA ARG B 160 7.28 15.91 -15.17
C ARG B 160 8.50 16.66 -15.72
N ILE B 161 8.24 17.61 -16.60
CA ILE B 161 9.33 18.43 -17.16
C ILE B 161 9.91 19.32 -16.05
N LEU B 162 9.07 19.82 -15.13
CA LEU B 162 9.58 20.55 -13.96
C LEU B 162 10.51 19.71 -13.12
N ASP B 163 10.21 18.41 -12.96
CA ASP B 163 11.10 17.51 -12.22
C ASP B 163 12.44 17.43 -12.91
N ILE B 164 12.44 17.29 -14.24
CA ILE B 164 13.67 17.18 -14.99
C ILE B 164 14.49 18.48 -14.89
N LEU B 165 13.81 19.61 -15.05
CA LEU B 165 14.47 20.89 -15.07
C LEU B 165 15.09 21.18 -13.70
N GLU B 166 14.34 20.90 -12.63
CA GLU B 166 14.86 21.08 -11.30
C GLU B 166 16.13 20.25 -11.09
N TYR B 167 16.08 18.98 -11.54
CA TYR B 167 17.23 18.09 -11.46
C TYR B 167 18.45 18.71 -12.15
N ILE B 168 18.31 19.05 -13.42
CA ILE B 168 19.47 19.49 -14.18
C ILE B 168 19.99 20.80 -13.63
N HIS B 169 19.06 21.69 -13.26
CA HIS B 169 19.41 22.97 -12.68
C HIS B 169 20.19 22.85 -11.37
N GLU B 170 19.78 21.93 -10.52
CA GLU B 170 20.51 21.65 -9.30
C GLU B 170 21.82 20.94 -9.55
N HIS B 171 22.05 20.43 -10.76
CA HIS B 171 23.34 19.85 -11.16
C HIS B 171 24.10 20.76 -12.15
N GLU B 172 23.85 22.06 -12.05
CA GLU B 172 24.62 23.14 -12.72
C GLU B 172 24.34 23.33 -14.22
N TYR B 173 23.32 22.68 -14.78
CA TYR B 173 23.02 22.80 -16.22
C TYR B 173 21.62 23.30 -16.53
N VAL B 174 21.50 24.00 -17.63
CA VAL B 174 20.23 24.28 -18.28
C VAL B 174 20.23 23.60 -19.66
N HIS B 175 19.04 23.34 -20.17
CA HIS B 175 18.88 22.61 -21.42
C HIS B 175 18.78 23.58 -22.60
N GLY B 176 17.98 24.61 -22.40
CA GLY B 176 17.82 25.66 -23.39
C GLY B 176 17.08 25.36 -24.73
N ASP B 177 16.60 24.12 -24.95
CA ASP B 177 15.87 23.71 -26.18
C ASP B 177 14.65 22.75 -25.92
N ILE B 178 13.88 22.99 -24.84
CA ILE B 178 12.72 22.12 -24.52
C ILE B 178 11.73 22.31 -25.66
N LYS B 179 11.25 21.21 -26.21
CA LYS B 179 10.22 21.21 -27.21
C LYS B 179 9.71 19.78 -27.41
N ALA B 180 8.54 19.66 -28.05
CA ALA B 180 7.92 18.33 -28.27
C ALA B 180 8.83 17.30 -28.97
N SER B 181 9.62 17.75 -29.92
CA SER B 181 10.47 16.85 -30.66
C SER B 181 11.66 16.39 -29.82
N ASN B 182 11.96 17.08 -28.70
CA ASN B 182 12.97 16.58 -27.72
C ASN B 182 12.35 15.92 -26.48
N LEU B 183 11.06 15.59 -26.54
CA LEU B 183 10.39 14.88 -25.47
C LEU B 183 9.97 13.53 -26.01
N LEU B 184 10.53 12.48 -25.43
CA LEU B 184 10.32 11.10 -25.92
C LEU B 184 9.73 10.24 -24.81
N LEU B 185 8.83 9.34 -25.19
CA LEU B 185 8.21 8.41 -24.23
C LEU B 185 9.11 7.23 -23.92
N ASN B 186 9.06 6.76 -22.67
CA ASN B 186 9.71 5.53 -22.27
C ASN B 186 9.18 4.44 -23.23
N TYR B 187 10.11 3.71 -23.87
CA TYR B 187 9.76 2.62 -24.81
C TYR B 187 8.81 1.59 -24.19
N LYS B 188 9.08 1.21 -22.94
CA LYS B 188 8.25 0.28 -22.19
C LYS B 188 7.19 0.94 -21.27
N ASN B 189 6.94 2.25 -21.37
CA ASN B 189 5.94 2.91 -20.53
C ASN B 189 5.48 4.26 -21.13
N PRO B 190 4.35 4.25 -21.85
CA PRO B 190 3.88 5.50 -22.49
C PRO B 190 3.47 6.67 -21.55
N ASP B 191 3.45 6.48 -20.24
CA ASP B 191 3.18 7.57 -19.28
C ASP B 191 4.43 8.27 -18.71
N GLN B 192 5.60 7.90 -19.18
CA GLN B 192 6.84 8.48 -18.71
C GLN B 192 7.49 9.19 -19.88
N VAL B 193 7.66 10.51 -19.75
CA VAL B 193 8.28 11.34 -20.77
C VAL B 193 9.68 11.76 -20.33
N TYR B 194 10.62 11.73 -21.28
CA TYR B 194 12.04 11.98 -21.08
C TYR B 194 12.42 13.17 -21.95
N LEU B 195 13.34 14.02 -21.45
CA LEU B 195 13.87 15.15 -22.23
C LEU B 195 15.22 14.69 -22.73
N VAL B 196 15.38 14.76 -24.07
CA VAL B 196 16.61 14.36 -24.71
C VAL B 196 17.37 15.56 -25.32
N ASP B 197 18.57 15.28 -25.81
CA ASP B 197 19.44 16.18 -26.53
C ASP B 197 20.00 17.31 -25.66
N TYR B 198 21.13 17.02 -25.02
CA TYR B 198 21.83 17.98 -24.18
C TYR B 198 23.07 18.54 -24.92
N GLY B 199 23.07 18.49 -26.25
CA GLY B 199 24.25 18.92 -27.02
C GLY B 199 24.56 20.41 -26.85
N LEU B 200 23.49 21.20 -26.88
CA LEU B 200 23.49 22.63 -26.58
C LEU B 200 23.24 22.98 -25.08
N ALA B 201 23.25 22.01 -24.19
CA ALA B 201 23.07 22.30 -22.78
C ALA B 201 24.24 23.16 -22.27
N TYR B 202 23.99 23.92 -21.20
CA TYR B 202 24.92 24.96 -20.75
C TYR B 202 25.14 24.84 -19.26
N ARG B 203 26.41 24.83 -18.87
CA ARG B 203 26.77 24.74 -17.44
C ARG B 203 26.80 26.17 -16.90
N TYR B 204 25.63 26.61 -16.42
CA TYR B 204 25.39 27.99 -16.03
C TYR B 204 25.95 28.31 -14.64
N CYS B 205 26.25 27.27 -13.85
CA CYS B 205 26.63 27.51 -12.47
C CYS B 205 27.81 26.61 -12.05
N PRO B 206 28.93 26.67 -12.82
CA PRO B 206 30.09 25.83 -12.48
C PRO B 206 30.54 26.09 -11.06
N GLU B 207 30.60 25.01 -10.29
CA GLU B 207 31.00 25.03 -8.88
C GLU B 207 30.25 26.06 -8.04
N GLY B 208 28.94 26.17 -8.31
CA GLY B 208 28.05 27.05 -7.58
C GLY B 208 28.21 28.54 -7.87
N VAL B 209 28.97 28.95 -8.89
CA VAL B 209 29.05 30.35 -9.24
C VAL B 209 28.26 30.62 -10.54
N HIS B 210 27.19 31.39 -10.44
CA HIS B 210 26.36 31.66 -11.61
C HIS B 210 27.08 32.52 -12.63
N LYS B 211 27.03 32.13 -13.90
CA LYS B 211 27.42 32.98 -15.00
C LYS B 211 26.84 34.40 -14.89
N ALA B 212 27.67 35.43 -15.07
CA ALA B 212 27.15 36.80 -14.98
C ALA B 212 26.44 37.16 -16.30
N TYR B 213 25.40 37.97 -16.17
CA TYR B 213 24.63 38.51 -17.30
C TYR B 213 25.56 39.24 -18.27
N ALA B 214 25.49 38.89 -19.54
CA ALA B 214 26.18 39.58 -20.61
C ALA B 214 25.61 39.18 -21.97
N ALA B 215 25.49 40.17 -22.85
CA ALA B 215 25.00 39.92 -24.16
C ALA B 215 26.19 39.68 -25.06
N ASP B 216 26.20 38.52 -25.70
CA ASP B 216 27.23 38.13 -26.63
C ASP B 216 26.60 38.00 -28.02
N PRO B 217 27.04 38.84 -28.99
CA PRO B 217 26.46 38.80 -30.33
C PRO B 217 26.56 37.43 -30.96
N LYS B 218 27.59 36.66 -30.58
CA LYS B 218 27.76 35.31 -31.06
C LYS B 218 26.64 34.37 -30.63
N ARG B 219 25.96 34.66 -29.53
CA ARG B 219 24.89 33.78 -29.00
C ARG B 219 23.45 34.15 -29.44
N CYS B 220 23.29 35.27 -30.16
CA CYS B 220 21.95 35.82 -30.38
C CYS B 220 21.10 34.82 -31.10
N HIS B 221 19.89 34.60 -30.56
CA HIS B 221 18.90 33.70 -31.15
C HIS B 221 19.26 32.23 -31.11
N ASP B 222 20.12 31.82 -30.16
CA ASP B 222 20.36 30.43 -29.90
C ASP B 222 19.04 29.77 -29.45
N GLY B 223 18.92 28.48 -29.72
CA GLY B 223 17.74 27.68 -29.39
C GLY B 223 16.86 27.50 -30.63
N THR B 224 15.64 27.04 -30.43
CA THR B 224 14.63 26.91 -31.48
C THR B 224 13.81 28.20 -31.44
N ILE B 225 13.82 28.94 -32.56
CA ILE B 225 13.40 30.33 -32.53
C ILE B 225 11.99 30.56 -31.99
N GLU B 226 11.05 29.67 -32.26
CA GLU B 226 9.68 29.93 -31.82
C GLU B 226 9.51 29.75 -30.32
N PHE B 227 10.38 28.94 -29.69
CA PHE B 227 10.28 28.64 -28.26
C PHE B 227 11.38 29.25 -27.41
N THR B 228 12.46 29.78 -27.99
CA THR B 228 13.63 30.14 -27.18
C THR B 228 13.34 31.34 -26.27
N SER B 229 14.18 31.56 -25.25
CA SER B 229 13.97 32.64 -24.29
C SER B 229 14.35 34.00 -24.85
N ILE B 230 13.77 35.03 -24.24
CA ILE B 230 14.20 36.40 -24.48
C ILE B 230 15.72 36.57 -24.25
N ASP B 231 16.22 36.03 -23.15
CA ASP B 231 17.68 36.02 -22.88
C ASP B 231 18.45 35.50 -24.08
N ALA B 232 18.06 34.33 -24.60
CA ALA B 232 18.73 33.74 -25.75
C ALA B 232 18.65 34.63 -26.99
N HIS B 233 17.46 35.18 -27.26
CA HIS B 233 17.33 36.18 -28.32
C HIS B 233 18.30 37.37 -28.13
N ASN B 234 18.50 37.82 -26.89
CA ASN B 234 19.40 38.92 -26.59
C ASN B 234 20.88 38.54 -26.59
N GLY B 235 21.22 37.29 -26.87
CA GLY B 235 22.60 36.82 -26.85
C GLY B 235 23.15 36.54 -25.46
N VAL B 236 22.24 36.35 -24.49
CA VAL B 236 22.64 36.11 -23.12
C VAL B 236 22.68 34.60 -22.95
N ALA B 237 23.68 34.11 -22.24
CA ALA B 237 23.81 32.69 -22.02
C ALA B 237 22.57 32.18 -21.28
N PRO B 238 22.09 30.99 -21.63
CA PRO B 238 20.82 30.55 -21.01
C PRO B 238 20.94 30.34 -19.51
N SER B 239 19.89 30.69 -18.77
CA SER B 239 19.82 30.37 -17.33
C SER B 239 18.49 29.70 -16.99
N ARG B 240 18.24 29.55 -15.69
CA ARG B 240 17.08 28.78 -15.24
C ARG B 240 15.77 29.41 -15.70
N ARG B 241 15.63 30.72 -15.59
CA ARG B 241 14.40 31.37 -16.01
C ARG B 241 14.07 31.11 -17.48
N GLY B 242 15.11 31.06 -18.32
CA GLY B 242 14.96 30.78 -19.76
C GLY B 242 14.34 29.41 -20.00
N ASP B 243 14.83 28.37 -19.30
CA ASP B 243 14.26 27.04 -19.45
C ASP B 243 12.78 27.05 -19.09
N LEU B 244 12.40 27.78 -18.04
CA LEU B 244 10.98 27.82 -17.60
C LEU B 244 10.12 28.60 -18.58
N GLU B 245 10.69 29.67 -19.15
CA GLU B 245 10.03 30.46 -20.19
C GLU B 245 9.77 29.62 -21.43
N ILE B 246 10.77 28.86 -21.84
CA ILE B 246 10.63 27.96 -22.98
C ILE B 246 9.47 26.99 -22.74
N LEU B 247 9.43 26.41 -21.54
CA LEU B 247 8.32 25.49 -21.24
C LEU B 247 6.96 26.18 -21.31
N GLY B 248 6.89 27.41 -20.86
CA GLY B 248 5.71 28.28 -20.99
C GLY B 248 5.22 28.39 -22.42
N TYR B 249 6.12 28.76 -23.32
CA TYR B 249 5.77 28.79 -24.75
C TYR B 249 5.34 27.43 -25.32
N CYS B 250 6.00 26.35 -24.94
CA CYS B 250 5.59 25.02 -25.35
C CYS B 250 4.15 24.71 -24.86
N MET B 251 3.86 25.03 -23.60
CA MET B 251 2.56 24.77 -23.01
C MET B 251 1.46 25.50 -23.81
N ILE B 252 1.71 26.76 -24.19
CA ILE B 252 0.72 27.55 -24.95
C ILE B 252 0.53 26.93 -26.35
N GLN B 253 1.66 26.60 -27.00
CA GLN B 253 1.62 25.96 -28.31
C GLN B 253 0.82 24.68 -28.22
N TRP B 254 1.07 23.88 -27.20
CA TRP B 254 0.41 22.58 -27.06
C TRP B 254 -1.09 22.72 -26.85
N LEU B 255 -1.48 23.69 -26.04
CA LEU B 255 -2.88 23.90 -25.71
C LEU B 255 -3.68 24.42 -26.89
N THR B 256 -3.07 25.31 -27.69
CA THR B 256 -3.80 26.14 -28.64
C THR B 256 -3.53 25.84 -30.12
N GLY B 257 -2.46 25.10 -30.41
CA GLY B 257 -1.99 24.91 -31.76
C GLY B 257 -1.13 26.05 -32.32
N HIS B 258 -0.93 27.13 -31.59
CA HIS B 258 -0.28 28.31 -32.13
C HIS B 258 0.59 29.09 -31.11
N LEU B 259 1.52 29.87 -31.67
CA LEU B 259 2.09 31.00 -30.98
C LEU B 259 1.96 32.27 -31.83
N PRO B 260 1.88 33.44 -31.17
CA PRO B 260 1.54 34.68 -31.89
C PRO B 260 2.55 35.08 -32.96
N TRP B 261 3.81 34.67 -32.78
CA TRP B 261 4.92 35.09 -33.63
C TRP B 261 5.22 34.06 -34.71
N GLU B 262 4.40 33.01 -34.81
CA GLU B 262 4.72 31.85 -35.65
C GLU B 262 4.69 32.14 -37.17
N ASP B 263 4.05 33.23 -37.58
CA ASP B 263 4.04 33.60 -39.02
C ASP B 263 5.17 34.51 -39.47
N ASN B 264 6.13 34.83 -38.60
CA ASN B 264 7.31 35.53 -39.07
C ASN B 264 8.57 35.05 -38.31
N LEU B 265 8.78 33.73 -38.35
CA LEU B 265 9.92 33.11 -37.68
C LEU B 265 11.25 33.35 -38.42
N LYS B 266 11.20 33.84 -39.66
CA LYS B 266 12.40 34.24 -40.40
C LYS B 266 12.90 35.63 -40.05
N ASP B 267 12.16 36.35 -39.21
CA ASP B 267 12.60 37.61 -38.67
C ASP B 267 12.88 37.47 -37.15
N PRO B 268 14.11 37.14 -36.78
CA PRO B 268 14.35 36.89 -35.36
C PRO B 268 14.14 38.13 -34.44
N LYS B 269 14.40 39.34 -34.95
CA LYS B 269 14.12 40.57 -34.21
C LYS B 269 12.63 40.70 -33.85
N TYR B 270 11.76 40.43 -34.83
CA TYR B 270 10.32 40.43 -34.64
C TYR B 270 9.92 39.40 -33.58
N VAL B 271 10.47 38.20 -33.65
CA VAL B 271 10.11 37.15 -32.68
C VAL B 271 10.51 37.63 -31.28
N ARG B 272 11.77 38.08 -31.14
CA ARG B 272 12.26 38.65 -29.88
C ARG B 272 11.37 39.75 -29.34
N ASP B 273 11.06 40.72 -30.18
CA ASP B 273 10.26 41.88 -29.75
C ASP B 273 8.83 41.50 -29.36
N SER B 274 8.24 40.55 -30.09
CA SER B 274 6.91 40.05 -29.76
C SER B 274 6.90 39.37 -28.38
N LYS B 275 7.87 38.50 -28.11
CA LYS B 275 7.98 37.90 -26.80
C LYS B 275 8.14 38.95 -25.72
N ILE B 276 8.93 40.01 -25.97
CA ILE B 276 9.16 41.04 -24.96
C ILE B 276 7.84 41.79 -24.68
N ARG B 277 7.11 42.10 -25.75
CA ARG B 277 5.78 42.76 -25.65
C ARG B 277 4.80 41.90 -24.84
N TYR B 278 4.79 40.62 -25.11
CA TYR B 278 3.92 39.67 -24.39
C TYR B 278 4.35 39.28 -22.98
N ARG B 279 5.61 39.57 -22.63
CA ARG B 279 6.06 39.52 -21.23
C ARG B 279 5.63 40.77 -20.47
N GLU B 280 5.81 41.95 -21.09
CA GLU B 280 5.36 43.22 -20.49
C GLU B 280 3.86 43.19 -20.22
N ASN B 281 3.09 42.59 -21.14
CA ASN B 281 1.62 42.54 -21.03
C ASN B 281 1.10 41.11 -21.20
N ILE B 282 1.15 40.36 -20.11
CA ILE B 282 0.74 38.94 -20.08
C ILE B 282 -0.76 38.80 -20.38
N ALA B 283 -1.58 39.71 -19.87
CA ALA B 283 -3.05 39.70 -20.19
C ALA B 283 -3.26 39.71 -21.68
N SER B 284 -2.47 40.51 -22.42
CA SER B 284 -2.57 40.51 -23.88
C SER B 284 -2.12 39.22 -24.55
N LEU B 285 -1.14 38.52 -23.97
CA LEU B 285 -0.78 37.22 -24.47
C LEU B 285 -1.92 36.21 -24.28
N MET B 286 -2.57 36.25 -23.12
CA MET B 286 -3.68 35.32 -22.84
C MET B 286 -4.86 35.62 -23.80
N ASP B 287 -5.13 36.91 -23.99
CA ASP B 287 -6.15 37.37 -24.95
C ASP B 287 -5.88 36.88 -26.36
N LYS B 288 -4.63 36.97 -26.80
CA LYS B 288 -4.20 36.59 -28.13
C LYS B 288 -4.29 35.11 -28.36
N CYS B 289 -3.82 34.31 -27.39
CA CYS B 289 -3.73 32.88 -27.57
C CYS B 289 -5.01 32.11 -27.18
N PHE B 290 -5.83 32.66 -26.30
CA PHE B 290 -7.08 32.03 -25.87
C PHE B 290 -8.19 33.06 -26.09
N PRO B 291 -8.44 33.40 -27.35
CA PRO B 291 -9.43 34.44 -27.64
C PRO B 291 -10.88 33.92 -27.37
N ALA B 292 -11.78 34.81 -26.98
CA ALA B 292 -13.22 34.49 -26.80
C ALA B 292 -13.47 33.36 -25.78
N ALA B 293 -12.64 33.30 -24.74
CA ALA B 293 -12.65 32.16 -23.80
C ALA B 293 -11.88 32.50 -22.56
N ASN B 294 -12.04 31.69 -21.52
CA ASN B 294 -11.18 31.83 -20.33
C ASN B 294 -9.82 31.30 -20.80
N ALA B 295 -8.78 32.08 -20.53
CA ALA B 295 -7.45 31.52 -20.63
C ALA B 295 -7.34 30.65 -19.37
N PRO B 296 -6.69 29.50 -19.47
CA PRO B 296 -6.47 28.72 -18.26
C PRO B 296 -5.69 29.54 -17.23
N GLY B 297 -6.29 29.76 -16.06
CA GLY B 297 -5.69 30.54 -14.99
C GLY B 297 -4.28 30.12 -14.58
N GLU B 298 -3.98 28.83 -14.59
CA GLU B 298 -2.64 28.32 -14.23
C GLU B 298 -1.56 28.73 -15.24
N ILE B 299 -1.93 28.88 -16.53
CA ILE B 299 -0.96 29.26 -17.56
C ILE B 299 -0.61 30.73 -17.31
N ALA B 300 -1.60 31.57 -17.04
CA ALA B 300 -1.33 32.97 -16.76
C ALA B 300 -0.44 33.11 -15.51
N LYS B 301 -0.76 32.38 -14.45
CA LYS B 301 0.02 32.46 -13.20
C LYS B 301 1.46 31.95 -13.38
N TYR B 302 1.61 30.88 -14.16
CA TYR B 302 2.91 30.33 -14.57
C TYR B 302 3.74 31.43 -15.28
N MET B 303 3.15 32.05 -16.29
CA MET B 303 3.85 33.10 -17.04
C MET B 303 4.20 34.32 -16.19
N GLU B 304 3.32 34.72 -15.28
CA GLU B 304 3.60 35.79 -14.31
C GLU B 304 4.76 35.42 -13.41
N THR B 305 4.79 34.18 -12.98
CA THR B 305 5.84 33.73 -12.08
C THR B 305 7.20 33.74 -12.79
N VAL B 306 7.22 33.27 -14.03
CA VAL B 306 8.45 33.31 -14.86
C VAL B 306 8.89 34.77 -15.09
N LYS B 307 7.95 35.67 -15.32
CA LYS B 307 8.26 37.10 -15.53
C LYS B 307 8.97 37.70 -14.32
N LEU B 308 8.54 37.27 -13.13
CA LEU B 308 9.17 37.71 -11.88
C LEU B 308 10.59 37.22 -11.63
N LEU B 309 11.06 36.21 -12.37
CA LEU B 309 12.42 35.72 -12.17
C LEU B 309 13.48 36.64 -12.74
N ASP B 310 14.49 36.98 -11.92
CA ASP B 310 15.71 37.57 -12.45
C ASP B 310 16.65 36.53 -13.05
N TYR B 311 17.59 37.01 -13.85
CA TYR B 311 18.50 36.17 -14.58
C TYR B 311 19.24 35.12 -13.77
N THR B 312 19.74 35.48 -12.59
CA THR B 312 20.45 34.52 -11.76
C THR B 312 19.56 33.85 -10.68
N GLU B 313 18.27 34.14 -10.65
CA GLU B 313 17.41 33.73 -9.54
C GLU B 313 17.10 32.22 -9.57
N LYS B 314 17.12 31.61 -8.40
CA LYS B 314 16.70 30.25 -8.27
C LYS B 314 15.17 30.21 -8.26
N PRO B 315 14.57 29.47 -9.19
CA PRO B 315 13.12 29.34 -9.19
C PRO B 315 12.62 28.64 -7.91
N LEU B 316 11.40 28.98 -7.50
CA LEU B 316 10.70 28.25 -6.44
C LEU B 316 9.89 27.17 -7.13
N TYR B 317 10.51 26.00 -7.31
CA TYR B 317 9.95 24.98 -8.16
C TYR B 317 8.65 24.41 -7.57
N GLU B 318 8.53 24.35 -6.25
CA GLU B 318 7.30 23.80 -5.63
C GLU B 318 6.11 24.71 -5.90
N ASN B 319 6.34 26.02 -5.85
CA ASN B 319 5.30 26.98 -6.22
C ASN B 319 4.84 26.81 -7.66
N LEU B 320 5.76 26.51 -8.58
CA LEU B 320 5.38 26.29 -9.98
C LEU B 320 4.59 25.00 -10.09
N ARG B 321 5.03 23.97 -9.38
CA ARG B 321 4.27 22.73 -9.31
C ARG B 321 2.86 22.96 -8.77
N ASP B 322 2.76 23.69 -7.68
CA ASP B 322 1.44 24.00 -7.10
C ASP B 322 0.52 24.75 -8.05
N ILE B 323 1.09 25.67 -8.85
CA ILE B 323 0.31 26.36 -9.89
C ILE B 323 -0.27 25.36 -10.86
N LEU B 324 0.52 24.39 -11.32
CA LEU B 324 0.01 23.41 -12.28
C LEU B 324 -1.00 22.46 -11.60
N LEU B 325 -0.69 22.07 -10.35
CA LEU B 325 -1.62 21.23 -9.59
C LEU B 325 -3.00 21.90 -9.36
N GLN B 326 -3.03 23.22 -9.11
CA GLN B 326 -4.27 23.99 -9.00
C GLN B 326 -5.06 23.91 -10.31
N GLY B 327 -4.36 23.86 -11.44
CA GLY B 327 -5.00 23.68 -12.74
C GLY B 327 -5.68 22.33 -12.87
N LEU B 328 -5.01 21.27 -12.42
CA LEU B 328 -5.57 19.93 -12.46
C LEU B 328 -6.84 19.85 -11.58
N LYS B 329 -6.77 20.42 -10.39
CA LYS B 329 -7.92 20.53 -9.50
C LYS B 329 -9.09 21.28 -10.17
N ALA B 330 -8.81 22.37 -10.85
CA ALA B 330 -9.83 23.17 -11.52
C ALA B 330 -10.59 22.43 -12.62
N ILE B 331 -9.95 21.49 -13.30
CA ILE B 331 -10.62 20.67 -14.31
C ILE B 331 -11.16 19.32 -13.78
N GLY B 332 -11.31 19.21 -12.45
CA GLY B 332 -11.85 18.01 -11.80
C GLY B 332 -10.92 16.82 -11.91
N SER B 333 -9.62 17.04 -11.82
CA SER B 333 -8.66 15.95 -11.96
C SER B 333 -7.60 16.03 -10.88
N LYS B 334 -6.57 15.20 -11.00
CA LYS B 334 -5.43 15.22 -10.07
C LYS B 334 -4.18 14.72 -10.76
N ASP B 335 -3.05 14.80 -10.07
CA ASP B 335 -1.80 14.27 -10.62
C ASP B 335 -1.75 12.77 -10.37
N ASP B 336 -2.21 12.02 -11.35
CA ASP B 336 -2.23 10.57 -11.26
C ASP B 336 -1.20 9.97 -12.24
N GLY B 337 -0.25 10.79 -12.70
CA GLY B 337 0.76 10.32 -13.67
C GLY B 337 0.28 9.90 -15.05
N LYS B 338 -0.99 10.17 -15.38
CA LYS B 338 -1.59 9.72 -16.65
C LYS B 338 -1.49 10.84 -17.69
N LEU B 339 -0.68 10.63 -18.72
CA LEU B 339 -0.45 11.63 -19.77
C LEU B 339 -1.61 11.80 -20.74
N ASP B 340 -2.41 10.73 -20.91
CA ASP B 340 -3.64 10.76 -21.75
C ASP B 340 -3.35 11.15 -23.19
N LEU B 341 -2.33 10.53 -23.76
CA LEU B 341 -1.88 10.89 -25.09
C LEU B 341 -2.68 10.13 -26.16
N GLU C 21 -59.60 3.15 -9.14
CA GLU C 21 -59.83 3.92 -7.89
C GLU C 21 -59.12 5.30 -7.86
N GLN C 22 -57.79 5.30 -7.93
CA GLN C 22 -56.98 6.48 -7.55
C GLN C 22 -56.97 7.61 -8.56
N PHE C 23 -56.90 7.24 -9.83
CA PHE C 23 -56.88 8.16 -10.96
C PHE C 23 -57.99 7.77 -11.94
N ALA C 24 -58.49 8.73 -12.72
CA ALA C 24 -59.36 8.40 -13.87
C ALA C 24 -58.51 8.07 -15.09
N VAL C 25 -59.01 7.18 -15.96
CA VAL C 25 -58.41 6.96 -17.29
C VAL C 25 -58.51 8.34 -18.00
N GLY C 26 -57.44 8.74 -18.68
CA GLY C 26 -57.31 10.11 -19.19
C GLY C 26 -57.00 11.27 -18.21
N GLU C 27 -56.92 11.04 -16.90
CA GLU C 27 -56.52 12.11 -15.95
C GLU C 27 -55.06 12.55 -16.22
N ILE C 28 -54.81 13.84 -16.01
CA ILE C 28 -53.51 14.44 -16.27
C ILE C 28 -52.91 14.67 -14.91
N ILE C 29 -51.75 14.06 -14.66
CA ILE C 29 -51.08 14.22 -13.36
C ILE C 29 -49.76 14.92 -13.58
N THR C 30 -49.41 15.76 -12.61
CA THR C 30 -48.19 16.53 -12.63
C THR C 30 -47.31 16.06 -11.47
N ASP C 31 -46.07 15.73 -11.77
CA ASP C 31 -45.16 15.17 -10.75
C ASP C 31 -44.41 16.30 -10.05
N MET C 32 -43.51 15.96 -9.13
CA MET C 32 -42.81 16.98 -8.35
C MET C 32 -41.89 17.87 -9.17
N ALA C 33 -41.39 17.37 -10.28
CA ALA C 33 -40.54 18.15 -11.17
C ALA C 33 -41.40 18.91 -12.19
N ALA C 34 -42.73 18.96 -11.98
CA ALA C 34 -43.68 19.60 -12.89
C ALA C 34 -43.77 18.98 -14.29
N ALA C 35 -43.37 17.72 -14.44
CA ALA C 35 -43.59 17.01 -15.69
C ALA C 35 -45.02 16.45 -15.72
N ALA C 36 -45.66 16.58 -16.88
CA ALA C 36 -47.07 16.18 -17.04
C ALA C 36 -47.20 14.79 -17.63
N TRP C 37 -48.09 13.99 -17.03
CA TRP C 37 -48.32 12.63 -17.48
C TRP C 37 -49.83 12.42 -17.65
N LYS C 38 -50.19 11.52 -18.54
CA LYS C 38 -51.59 11.13 -18.68
C LYS C 38 -51.80 9.67 -18.26
N VAL C 39 -52.84 9.44 -17.44
CA VAL C 39 -53.15 8.08 -16.92
C VAL C 39 -53.95 7.27 -17.95
N GLY C 40 -53.58 6.00 -18.13
CA GLY C 40 -54.32 5.04 -18.98
C GLY C 40 -55.15 4.06 -18.14
N LEU C 41 -55.28 2.83 -18.61
CA LEU C 41 -56.12 1.82 -17.97
C LEU C 41 -55.38 1.24 -16.77
N PRO C 42 -56.11 0.82 -15.72
CA PRO C 42 -55.45 0.00 -14.66
C PRO C 42 -54.95 -1.36 -15.16
N ILE C 43 -53.96 -1.94 -14.49
CA ILE C 43 -53.42 -3.26 -14.87
C ILE C 43 -53.00 -4.13 -13.68
N CYS C 50 -52.15 -1.21 -7.11
CA CYS C 50 -52.66 -0.05 -7.83
C CYS C 50 -51.61 0.48 -8.82
N ILE C 51 -51.69 -0.02 -10.05
CA ILE C 51 -50.78 0.32 -11.14
C ILE C 51 -51.64 0.64 -12.37
N TYR C 52 -51.34 1.77 -13.01
CA TYR C 52 -52.01 2.20 -14.24
C TYR C 52 -50.97 2.37 -15.33
N LEU C 53 -51.38 2.14 -16.57
CA LEU C 53 -50.59 2.50 -17.71
C LEU C 53 -50.52 4.02 -17.78
N ALA C 54 -49.50 4.54 -18.45
CA ALA C 54 -49.28 5.99 -18.48
C ALA C 54 -48.37 6.41 -19.60
N ASP C 55 -48.49 7.68 -19.97
CA ASP C 55 -47.62 8.24 -21.00
C ASP C 55 -47.47 9.70 -20.73
N MET C 56 -46.67 10.37 -21.53
CA MET C 56 -46.55 11.84 -21.46
C MET C 56 -47.89 12.47 -21.77
N ASN C 57 -48.14 13.66 -21.22
CA ASN C 57 -49.38 14.37 -21.51
C ASN C 57 -49.42 14.71 -22.99
N SER C 58 -50.62 14.58 -23.55
CA SER C 58 -50.90 14.92 -24.95
C SER C 58 -52.39 14.92 -25.16
N SER C 59 -52.81 15.28 -26.36
CA SER C 59 -54.23 15.22 -26.75
C SER C 59 -54.78 13.81 -26.92
N GLU C 60 -53.95 12.89 -27.42
CA GLU C 60 -54.34 11.50 -27.60
C GLU C 60 -54.52 10.80 -26.24
N SER C 61 -55.42 9.82 -26.17
CA SER C 61 -55.59 9.05 -24.95
C SER C 61 -54.45 8.01 -24.82
N VAL C 62 -54.32 7.42 -23.64
CA VAL C 62 -53.26 6.45 -23.37
C VAL C 62 -53.80 5.04 -23.63
N GLY C 63 -53.19 4.34 -24.56
CA GLY C 63 -53.64 3.00 -24.92
C GLY C 63 -52.84 1.83 -24.37
N SER C 64 -53.28 0.64 -24.80
CA SER C 64 -52.64 -0.65 -24.56
C SER C 64 -51.12 -0.69 -24.69
N ASP C 65 -50.57 0.10 -25.62
CA ASP C 65 -49.12 0.14 -25.90
C ASP C 65 -48.33 1.25 -25.14
N ALA C 66 -48.85 1.71 -24.00
CA ALA C 66 -48.21 2.76 -23.19
C ALA C 66 -46.77 2.38 -22.74
N PRO C 67 -45.82 3.34 -22.78
CA PRO C 67 -44.44 3.07 -22.47
C PRO C 67 -44.12 3.15 -20.97
N CYS C 68 -45.05 3.62 -20.16
CA CYS C 68 -44.84 3.76 -18.73
C CYS C 68 -45.97 3.16 -17.92
N VAL C 69 -45.69 2.98 -16.65
CA VAL C 69 -46.71 2.79 -15.66
C VAL C 69 -46.58 3.78 -14.54
N VAL C 70 -47.67 4.01 -13.87
CA VAL C 70 -47.66 4.79 -12.67
C VAL C 70 -48.15 3.88 -11.54
N LYS C 71 -47.29 3.70 -10.54
CA LYS C 71 -47.60 2.93 -9.33
C LYS C 71 -48.07 3.88 -8.26
N VAL C 72 -49.12 3.47 -7.54
CA VAL C 72 -49.69 4.27 -6.48
C VAL C 72 -49.90 3.43 -5.25
N GLU C 73 -49.49 3.96 -4.10
CA GLU C 73 -49.73 3.32 -2.80
C GLU C 73 -49.99 4.39 -1.79
N PRO C 74 -50.65 4.04 -0.68
CA PRO C 74 -50.72 5.00 0.42
C PRO C 74 -49.32 5.53 0.77
N SER C 75 -49.26 6.79 1.20
CA SER C 75 -48.04 7.43 1.67
C SER C 75 -47.27 6.68 2.76
N ASP C 76 -48.00 5.88 3.51
CA ASP C 76 -47.39 5.13 4.62
C ASP C 76 -46.84 3.76 4.16
N ASN C 77 -46.99 3.43 2.88
CA ASN C 77 -46.48 2.17 2.40
C ASN C 77 -44.94 2.22 2.38
N GLY C 78 -44.34 1.41 3.25
CA GLY C 78 -42.90 1.31 3.37
C GLY C 78 -42.22 0.93 2.09
N PRO C 79 -42.67 -0.17 1.45
CA PRO C 79 -41.97 -0.63 0.27
C PRO C 79 -41.90 0.36 -0.92
N LEU C 80 -42.96 1.11 -1.15
CA LEU C 80 -42.91 2.06 -2.27
C LEU C 80 -41.90 3.15 -1.96
N PHE C 81 -41.79 3.54 -0.71
CA PHE C 81 -40.78 4.54 -0.37
C PHE C 81 -39.37 3.98 -0.61
N THR C 82 -39.13 2.78 -0.11
CA THR C 82 -37.83 2.12 -0.36
C THR C 82 -37.52 2.03 -1.86
N GLU C 83 -38.49 1.56 -2.64
CA GLU C 83 -38.34 1.40 -4.06
C GLU C 83 -38.10 2.77 -4.74
N LEU C 84 -38.89 3.74 -4.36
CA LEU C 84 -38.77 5.10 -4.92
C LEU C 84 -37.37 5.66 -4.64
N LYS C 85 -36.86 5.46 -3.44
CA LYS C 85 -35.53 5.96 -3.13
C LYS C 85 -34.49 5.27 -3.96
N PHE C 86 -34.63 3.96 -4.17
CA PHE C 86 -33.72 3.24 -5.09
C PHE C 86 -33.75 3.89 -6.48
N TYR C 87 -34.97 4.04 -7.00
CA TYR C 87 -35.14 4.57 -8.35
C TYR C 87 -34.57 6.00 -8.48
N GLN C 88 -34.82 6.85 -7.49
CA GLN C 88 -34.25 8.21 -7.49
C GLN C 88 -32.73 8.28 -7.49
N ARG C 89 -32.11 7.38 -6.74
CA ARG C 89 -30.65 7.37 -6.54
C ARG C 89 -29.89 6.71 -7.63
N ALA C 90 -30.45 5.64 -8.22
CA ALA C 90 -29.73 4.76 -9.12
C ALA C 90 -30.35 4.58 -10.49
N ALA C 91 -31.56 5.04 -10.74
CA ALA C 91 -32.20 4.78 -12.01
C ALA C 91 -32.60 6.04 -12.79
N LYS C 92 -31.84 7.13 -12.59
CA LYS C 92 -32.08 8.37 -13.35
C LYS C 92 -31.75 8.06 -14.83
N PRO C 93 -32.62 8.48 -15.78
CA PRO C 93 -32.36 8.05 -17.14
C PRO C 93 -30.95 8.31 -17.68
N GLU C 94 -30.40 9.50 -17.38
CA GLU C 94 -29.09 9.91 -17.88
C GLU C 94 -27.97 9.14 -17.22
N GLN C 95 -28.17 8.81 -15.96
CA GLN C 95 -27.23 8.00 -15.17
C GLN C 95 -27.08 6.59 -15.78
N ILE C 96 -28.21 5.99 -16.12
CA ILE C 96 -28.22 4.69 -16.79
C ILE C 96 -27.58 4.77 -18.19
N GLN C 97 -27.98 5.77 -18.96
CA GLN C 97 -27.43 5.95 -20.31
C GLN C 97 -25.92 6.16 -20.29
N LYS C 98 -25.42 6.97 -19.36
CA LYS C 98 -23.97 7.15 -19.21
C LYS C 98 -23.23 5.86 -18.87
N TRP C 99 -23.80 5.06 -17.96
CA TRP C 99 -23.19 3.75 -17.64
C TRP C 99 -23.17 2.81 -18.85
N ILE C 100 -24.28 2.76 -19.59
CA ILE C 100 -24.34 1.95 -20.82
C ILE C 100 -23.20 2.37 -21.77
N ARG C 101 -23.04 3.67 -21.96
CA ARG C 101 -21.95 4.16 -22.82
C ARG C 101 -20.58 3.79 -22.27
N THR C 102 -20.31 4.13 -21.01
CA THR C 102 -18.97 3.94 -20.44
C THR C 102 -18.55 2.49 -20.25
N ARG C 103 -19.50 1.58 -19.96
CA ARG C 103 -19.22 0.15 -19.78
CA ARG C 103 -19.22 0.15 -19.79
C ARG C 103 -19.44 -0.63 -21.09
N LYS C 104 -19.74 0.08 -22.17
CA LYS C 104 -19.83 -0.52 -23.50
C LYS C 104 -20.92 -1.56 -23.62
N LEU C 105 -22.08 -1.34 -23.01
CA LEU C 105 -23.15 -2.33 -23.00
C LEU C 105 -24.12 -2.06 -24.13
N LYS C 106 -24.92 -3.06 -24.47
CA LYS C 106 -25.97 -2.87 -25.45
C LYS C 106 -27.18 -2.23 -24.82
N TYR C 107 -27.43 -2.56 -23.56
CA TYR C 107 -28.54 -2.00 -22.81
C TYR C 107 -28.22 -2.32 -21.31
N LEU C 108 -29.05 -1.83 -20.40
CA LEU C 108 -28.91 -2.19 -18.98
C LEU C 108 -30.28 -2.45 -18.44
N GLY C 109 -30.49 -3.64 -17.87
CA GLY C 109 -31.82 -4.03 -17.44
C GLY C 109 -32.28 -3.49 -16.10
N VAL C 110 -31.99 -2.20 -15.83
CA VAL C 110 -32.56 -1.47 -14.70
C VAL C 110 -33.64 -0.58 -15.27
N PRO C 111 -34.88 -0.66 -14.75
CA PRO C 111 -35.94 0.21 -15.25
C PRO C 111 -35.68 1.69 -14.95
N LYS C 112 -36.08 2.54 -15.88
CA LYS C 112 -35.85 3.97 -15.75
C LYS C 112 -36.89 4.60 -14.86
N TYR C 113 -36.42 5.54 -14.06
CA TYR C 113 -37.27 6.32 -13.18
C TYR C 113 -37.68 7.61 -13.92
N TRP C 114 -38.98 7.89 -13.98
CA TRP C 114 -39.49 9.07 -14.71
C TRP C 114 -40.10 10.20 -13.89
N GLY C 115 -40.42 9.94 -12.64
CA GLY C 115 -40.94 10.95 -11.74
C GLY C 115 -41.76 10.37 -10.61
N SER C 116 -42.19 11.24 -9.72
CA SER C 116 -42.95 10.86 -8.59
C SER C 116 -43.61 12.07 -7.97
N GLY C 117 -44.51 11.78 -7.05
CA GLY C 117 -45.11 12.80 -6.26
C GLY C 117 -46.03 12.27 -5.20
N LEU C 118 -46.85 13.19 -4.68
CA LEU C 118 -47.85 12.90 -3.68
C LEU C 118 -49.21 13.30 -4.22
N HIS C 119 -50.23 12.52 -3.90
CA HIS C 119 -51.57 12.66 -4.52
C HIS C 119 -52.64 12.34 -3.49
N ASP C 120 -53.65 13.20 -3.40
CA ASP C 120 -54.76 13.00 -2.46
C ASP C 120 -56.01 12.57 -3.23
N LYS C 121 -56.75 11.60 -2.66
CA LYS C 121 -58.05 11.11 -3.18
C LYS C 121 -58.88 10.62 -2.00
N ASN C 122 -60.14 11.04 -1.97
CA ASN C 122 -61.12 10.58 -0.97
C ASN C 122 -60.64 10.72 0.46
N GLY C 123 -59.95 11.83 0.77
CA GLY C 123 -59.43 12.09 2.11
C GLY C 123 -57.97 11.65 2.39
N LYS C 124 -57.54 10.53 1.81
CA LYS C 124 -56.24 9.90 2.12
C LYS C 124 -55.07 10.46 1.29
N SER C 125 -53.83 10.34 1.82
CA SER C 125 -52.59 10.69 1.09
C SER C 125 -51.96 9.47 0.41
N TYR C 126 -51.64 9.64 -0.87
CA TYR C 126 -51.02 8.60 -1.70
C TYR C 126 -49.69 9.09 -2.25
N ARG C 127 -48.79 8.14 -2.50
CA ARG C 127 -47.53 8.39 -3.19
C ARG C 127 -47.62 7.73 -4.54
N PHE C 128 -47.10 8.39 -5.57
CA PHE C 128 -47.03 7.79 -6.88
C PHE C 128 -45.67 7.92 -7.51
N MET C 129 -45.40 6.98 -8.43
CA MET C 129 -44.15 6.87 -9.15
C MET C 129 -44.33 6.40 -10.59
N ILE C 130 -43.65 7.06 -11.53
CA ILE C 130 -43.71 6.71 -12.96
C ILE C 130 -42.43 6.00 -13.33
N MET C 131 -42.54 4.83 -13.93
CA MET C 131 -41.39 4.07 -14.40
C MET C 131 -41.71 3.39 -15.72
N ASP C 132 -40.70 2.72 -16.27
CA ASP C 132 -40.84 1.89 -17.47
C ASP C 132 -41.96 0.85 -17.32
N ARG C 133 -42.75 0.72 -18.39
CA ARG C 133 -43.67 -0.40 -18.63
C ARG C 133 -42.91 -1.53 -19.24
N PHE C 134 -43.27 -2.76 -18.90
CA PHE C 134 -42.63 -3.93 -19.50
C PHE C 134 -43.64 -4.93 -20.11
N GLY C 135 -43.13 -5.89 -20.86
CA GLY C 135 -43.93 -7.00 -21.34
C GLY C 135 -43.98 -8.15 -20.34
N SER C 136 -43.83 -9.37 -20.82
CA SER C 136 -44.10 -10.52 -19.99
C SER C 136 -42.98 -10.69 -18.97
N ASP C 137 -43.34 -11.27 -17.85
CA ASP C 137 -42.37 -11.80 -16.89
C ASP C 137 -41.82 -13.15 -17.38
N LEU C 138 -40.61 -13.49 -16.93
CA LEU C 138 -39.98 -14.73 -17.36
C LEU C 138 -40.65 -15.99 -16.79
N GLN C 139 -41.34 -15.88 -15.66
CA GLN C 139 -41.97 -17.05 -15.02
C GLN C 139 -43.09 -17.62 -15.90
N LYS C 140 -43.90 -16.72 -16.49
CA LYS C 140 -44.92 -17.11 -17.49
C LYS C 140 -44.28 -17.82 -18.66
N ILE C 141 -43.18 -17.30 -19.17
CA ILE C 141 -42.51 -17.90 -20.34
C ILE C 141 -41.86 -19.27 -20.00
N TYR C 142 -41.35 -19.36 -18.78
CA TYR C 142 -40.81 -20.58 -18.20
C TYR C 142 -41.88 -21.69 -18.10
N GLU C 143 -42.98 -21.37 -17.45
CA GLU C 143 -44.10 -22.33 -17.27
C GLU C 143 -44.70 -22.77 -18.62
N ALA C 144 -44.86 -21.82 -19.53
CA ALA C 144 -45.27 -22.09 -20.90
C ALA C 144 -44.30 -23.00 -21.65
N ASN C 145 -43.04 -23.04 -21.24
CA ASN C 145 -42.06 -23.89 -21.87
C ASN C 145 -41.74 -25.16 -21.03
N ALA C 146 -42.71 -25.63 -20.27
CA ALA C 146 -42.61 -26.85 -19.43
C ALA C 146 -41.49 -26.75 -18.38
N LYS C 147 -41.36 -25.56 -17.80
CA LYS C 147 -40.39 -25.28 -16.74
C LYS C 147 -38.99 -25.69 -17.10
N ARG C 148 -38.57 -25.31 -18.31
CA ARG C 148 -37.18 -25.37 -18.72
C ARG C 148 -36.83 -24.13 -19.50
N PHE C 149 -35.57 -23.70 -19.40
CA PHE C 149 -34.96 -22.86 -20.38
C PHE C 149 -33.74 -23.59 -20.84
N SER C 150 -33.39 -23.35 -22.10
CA SER C 150 -32.18 -23.91 -22.67
C SER C 150 -30.93 -23.30 -22.06
N ARG C 151 -29.81 -24.00 -22.22
CA ARG C 151 -28.49 -23.56 -21.74
C ARG C 151 -28.10 -22.22 -22.36
N LYS C 152 -28.33 -22.06 -23.67
CA LYS C 152 -28.11 -20.80 -24.38
C LYS C 152 -28.87 -19.66 -23.72
N THR C 153 -30.16 -19.86 -23.50
CA THR C 153 -31.01 -18.90 -22.83
C THR C 153 -30.55 -18.53 -21.40
N VAL C 154 -30.17 -19.54 -20.63
CA VAL C 154 -29.82 -19.33 -19.22
C VAL C 154 -28.56 -18.50 -19.18
N LEU C 155 -27.59 -18.82 -20.04
CA LEU C 155 -26.37 -18.10 -20.08
C LEU C 155 -26.59 -16.63 -20.53
N GLN C 156 -27.43 -16.42 -21.53
CA GLN C 156 -27.66 -15.07 -22.05
C GLN C 156 -28.44 -14.21 -21.02
N LEU C 157 -29.48 -14.80 -20.40
CA LEU C 157 -30.19 -14.15 -19.29
C LEU C 157 -29.22 -13.76 -18.17
N SER C 158 -28.37 -14.71 -17.77
CA SER C 158 -27.47 -14.56 -16.64
C SER C 158 -26.37 -13.56 -16.86
N LEU C 159 -25.79 -13.48 -18.07
CA LEU C 159 -24.81 -12.44 -18.38
C LEU C 159 -25.39 -11.03 -18.15
N ARG C 160 -26.63 -10.84 -18.54
CA ARG C 160 -27.30 -9.55 -18.43
C ARG C 160 -27.73 -9.26 -16.99
N ILE C 161 -28.15 -10.31 -16.28
CA ILE C 161 -28.40 -10.18 -14.83
C ILE C 161 -27.09 -9.82 -14.12
N LEU C 162 -25.94 -10.37 -14.52
CA LEU C 162 -24.69 -9.95 -13.92
C LEU C 162 -24.38 -8.47 -14.19
N ASP C 163 -24.73 -7.98 -15.38
CA ASP C 163 -24.59 -6.53 -15.65
C ASP C 163 -25.44 -5.67 -14.68
N ILE C 164 -26.67 -6.13 -14.45
CA ILE C 164 -27.62 -5.45 -13.59
C ILE C 164 -27.10 -5.43 -12.14
N LEU C 165 -26.64 -6.59 -11.68
CA LEU C 165 -26.21 -6.73 -10.30
C LEU C 165 -24.96 -5.88 -10.08
N GLU C 166 -24.03 -5.91 -11.02
CA GLU C 166 -22.86 -5.06 -10.91
C GLU C 166 -23.30 -3.59 -10.77
N TYR C 167 -24.21 -3.16 -11.61
CA TYR C 167 -24.72 -1.80 -11.55
C TYR C 167 -25.34 -1.45 -10.20
N ILE C 168 -26.32 -2.23 -9.75
CA ILE C 168 -26.99 -1.83 -8.51
C ILE C 168 -26.00 -1.91 -7.32
N HIS C 169 -25.16 -2.95 -7.29
CA HIS C 169 -24.16 -3.07 -6.23
C HIS C 169 -23.18 -1.88 -6.19
N GLU C 170 -22.78 -1.41 -7.37
CA GLU C 170 -21.91 -0.25 -7.48
C GLU C 170 -22.64 1.04 -7.05
N HIS C 171 -23.96 1.02 -6.99
CA HIS C 171 -24.74 2.13 -6.49
C HIS C 171 -25.39 1.85 -5.13
N GLU C 172 -24.72 1.01 -4.32
CA GLU C 172 -24.96 0.78 -2.91
C GLU C 172 -26.09 -0.13 -2.54
N TYR C 173 -26.71 -0.80 -3.52
CA TYR C 173 -27.87 -1.64 -3.26
C TYR C 173 -27.65 -3.10 -3.68
N VAL C 174 -28.29 -3.99 -2.92
CA VAL C 174 -28.49 -5.39 -3.29
C VAL C 174 -30.01 -5.57 -3.45
N HIS C 175 -30.34 -6.45 -4.38
CA HIS C 175 -31.74 -6.81 -4.68
C HIS C 175 -32.31 -7.84 -3.62
N GLY C 176 -31.50 -8.86 -3.29
CA GLY C 176 -31.91 -9.90 -2.33
C GLY C 176 -33.12 -10.83 -2.72
N ASP C 177 -33.62 -10.79 -3.97
CA ASP C 177 -34.88 -11.54 -4.40
C ASP C 177 -34.98 -11.84 -5.96
N ILE C 178 -33.84 -12.16 -6.61
CA ILE C 178 -33.80 -12.39 -8.06
C ILE C 178 -34.56 -13.69 -8.25
N LYS C 179 -35.47 -13.64 -9.19
CA LYS C 179 -36.24 -14.80 -9.61
C LYS C 179 -36.98 -14.43 -10.91
N ALA C 180 -37.50 -15.44 -11.61
CA ALA C 180 -38.15 -15.22 -12.92
C ALA C 180 -39.36 -14.30 -12.90
N SER C 181 -40.13 -14.30 -11.81
CA SER C 181 -41.26 -13.41 -11.66
C SER C 181 -40.87 -11.93 -11.52
N ASN C 182 -39.59 -11.66 -11.20
CA ASN C 182 -39.06 -10.28 -11.10
C ASN C 182 -38.18 -9.93 -12.27
N LEU C 183 -38.24 -10.73 -13.32
CA LEU C 183 -37.45 -10.50 -14.53
C LEU C 183 -38.46 -10.30 -15.66
N LEU C 184 -38.47 -9.11 -16.25
CA LEU C 184 -39.49 -8.68 -17.24
C LEU C 184 -38.81 -8.29 -18.53
N LEU C 185 -39.49 -8.58 -19.64
CA LEU C 185 -38.92 -8.32 -20.95
C LEU C 185 -39.26 -6.89 -21.36
N ASN C 186 -38.35 -6.27 -22.10
CA ASN C 186 -38.66 -5.00 -22.78
C ASN C 186 -39.94 -5.22 -23.64
N TYR C 187 -40.95 -4.39 -23.43
CA TYR C 187 -42.21 -4.45 -24.17
C TYR C 187 -42.05 -4.49 -25.71
N LYS C 188 -41.01 -3.86 -26.23
CA LYS C 188 -40.73 -3.79 -27.67
C LYS C 188 -39.42 -4.49 -28.08
N ASN C 189 -38.78 -5.24 -27.17
CA ASN C 189 -37.61 -6.02 -27.52
C ASN C 189 -37.48 -7.25 -26.61
N PRO C 190 -37.91 -8.42 -27.11
CA PRO C 190 -37.88 -9.64 -26.29
C PRO C 190 -36.48 -10.23 -26.01
N ASP C 191 -35.41 -9.59 -26.48
CA ASP C 191 -34.05 -9.98 -26.10
C ASP C 191 -33.48 -9.16 -24.93
N GLN C 192 -34.27 -8.27 -24.38
CA GLN C 192 -33.80 -7.43 -23.29
C GLN C 192 -34.57 -7.73 -22.04
N VAL C 193 -33.84 -8.23 -21.04
CA VAL C 193 -34.46 -8.55 -19.75
C VAL C 193 -34.07 -7.51 -18.66
N TYR C 194 -35.04 -7.20 -17.83
CA TYR C 194 -34.96 -6.20 -16.76
C TYR C 194 -35.30 -6.84 -15.43
N LEU C 195 -34.54 -6.43 -14.40
CA LEU C 195 -34.84 -6.82 -13.00
C LEU C 195 -35.70 -5.77 -12.36
N VAL C 196 -36.86 -6.17 -11.86
CA VAL C 196 -37.78 -5.29 -11.15
C VAL C 196 -37.97 -5.65 -9.71
N ASP C 197 -38.71 -4.78 -9.01
CA ASP C 197 -39.14 -4.90 -7.62
C ASP C 197 -38.01 -4.55 -6.65
N TYR C 198 -37.98 -3.30 -6.21
CA TYR C 198 -36.96 -2.82 -5.25
C TYR C 198 -37.60 -2.41 -3.95
N GLY C 199 -38.86 -2.84 -3.73
CA GLY C 199 -39.58 -2.52 -2.51
C GLY C 199 -38.95 -3.04 -1.22
N LEU C 200 -38.23 -4.16 -1.33
CA LEU C 200 -37.46 -4.73 -0.25
C LEU C 200 -36.00 -4.84 -0.64
N ALA C 201 -35.53 -3.93 -1.49
CA ALA C 201 -34.11 -3.83 -1.78
C ALA C 201 -33.38 -3.30 -0.54
N TYR C 202 -32.07 -3.54 -0.48
CA TYR C 202 -31.33 -3.21 0.72
C TYR C 202 -30.15 -2.39 0.34
N ARG C 203 -30.00 -1.24 0.99
CA ARG C 203 -28.85 -0.41 0.79
C ARG C 203 -27.71 -0.91 1.71
N TYR C 204 -26.86 -1.77 1.15
CA TYR C 204 -25.86 -2.52 1.90
C TYR C 204 -24.59 -1.69 2.18
N CYS C 205 -24.36 -0.61 1.44
CA CYS C 205 -23.12 0.16 1.47
C CYS C 205 -23.41 1.67 1.44
N PRO C 206 -24.28 2.18 2.34
CA PRO C 206 -24.64 3.63 2.29
C PRO C 206 -23.38 4.51 2.48
N GLU C 207 -23.15 5.41 1.53
CA GLU C 207 -21.96 6.29 1.50
C GLU C 207 -20.63 5.50 1.57
N GLY C 208 -20.60 4.31 0.96
CA GLY C 208 -19.41 3.48 0.95
C GLY C 208 -19.09 2.76 2.25
N VAL C 209 -19.98 2.80 3.24
CA VAL C 209 -19.80 2.08 4.49
C VAL C 209 -20.61 0.75 4.49
N HIS C 210 -19.91 -0.35 4.36
CA HIS C 210 -20.55 -1.68 4.23
C HIS C 210 -21.15 -2.08 5.56
N LYS C 211 -22.34 -2.65 5.46
CA LYS C 211 -23.10 -3.09 6.64
C LYS C 211 -22.28 -4.21 7.34
N ALA C 212 -22.43 -4.34 8.65
CA ALA C 212 -21.66 -5.36 9.39
C ALA C 212 -22.24 -6.77 9.14
N TYR C 213 -21.50 -7.87 9.46
CA TYR C 213 -22.00 -9.26 9.23
C TYR C 213 -22.96 -9.41 10.44
N ALA C 214 -24.27 -9.10 10.28
CA ALA C 214 -25.29 -9.19 11.37
C ALA C 214 -26.78 -8.91 10.90
N ALA C 215 -27.81 -9.21 11.71
CA ALA C 215 -29.19 -8.85 11.29
C ALA C 215 -29.30 -7.32 11.33
N ASP C 216 -30.05 -6.78 10.40
CA ASP C 216 -30.45 -5.36 10.41
C ASP C 216 -31.90 -5.30 10.92
N PRO C 217 -32.13 -4.76 12.15
CA PRO C 217 -33.51 -4.65 12.69
C PRO C 217 -34.51 -3.89 11.79
N LYS C 218 -34.04 -2.89 11.03
CA LYS C 218 -34.89 -2.16 10.09
C LYS C 218 -35.41 -3.00 8.88
N ARG C 219 -34.79 -4.15 8.59
CA ARG C 219 -35.24 -5.10 7.54
C ARG C 219 -35.84 -6.42 8.12
N CYS C 220 -37.01 -6.83 7.62
CA CYS C 220 -37.67 -8.10 8.01
C CYS C 220 -37.61 -9.19 6.94
N HIS C 221 -37.29 -8.82 5.70
CA HIS C 221 -37.37 -9.72 4.58
C HIS C 221 -36.17 -10.67 4.46
N ASP C 222 -36.50 -11.91 4.13
CA ASP C 222 -35.55 -13.00 4.00
C ASP C 222 -35.48 -13.56 2.57
N GLY C 223 -36.13 -12.89 1.62
CA GLY C 223 -36.08 -13.26 0.20
C GLY C 223 -37.13 -14.34 -0.11
N THR C 224 -36.93 -15.10 -1.17
CA THR C 224 -37.86 -16.19 -1.56
C THR C 224 -37.14 -17.49 -1.18
N ILE C 225 -37.78 -18.28 -0.34
CA ILE C 225 -37.05 -19.39 0.37
C ILE C 225 -36.25 -20.35 -0.50
N GLU C 226 -36.81 -20.77 -1.64
CA GLU C 226 -36.10 -21.71 -2.49
C GLU C 226 -34.85 -21.12 -3.11
N PHE C 227 -34.81 -19.79 -3.26
CA PHE C 227 -33.70 -19.12 -3.94
C PHE C 227 -32.77 -18.33 -3.04
N THR C 228 -33.15 -18.11 -1.78
CA THR C 228 -32.45 -17.12 -0.95
C THR C 228 -31.04 -17.62 -0.55
N SER C 229 -30.21 -16.65 -0.15
CA SER C 229 -28.82 -16.89 0.22
C SER C 229 -28.71 -17.58 1.57
N ILE C 230 -27.59 -18.31 1.75
CA ILE C 230 -27.28 -18.86 3.04
C ILE C 230 -27.21 -17.71 4.10
N ASP C 231 -26.66 -16.57 3.72
CA ASP C 231 -26.62 -15.40 4.60
C ASP C 231 -28.00 -15.02 5.08
N ALA C 232 -28.97 -14.92 4.18
CA ALA C 232 -30.35 -14.62 4.59
C ALA C 232 -30.91 -15.69 5.52
N HIS C 233 -30.62 -16.97 5.22
CA HIS C 233 -31.04 -18.06 6.11
C HIS C 233 -30.41 -17.96 7.52
N ASN C 234 -29.21 -17.39 7.61
CA ASN C 234 -28.51 -17.19 8.88
C ASN C 234 -28.94 -15.91 9.59
N GLY C 235 -29.93 -15.20 9.02
CA GLY C 235 -30.52 -14.03 9.65
C GLY C 235 -29.67 -12.78 9.59
N VAL C 236 -28.72 -12.69 8.67
CA VAL C 236 -27.97 -11.47 8.48
C VAL C 236 -28.48 -10.70 7.24
N ALA C 237 -28.11 -9.43 7.19
CA ALA C 237 -28.53 -8.57 6.11
C ALA C 237 -27.90 -9.08 4.80
N PRO C 238 -28.62 -8.92 3.69
CA PRO C 238 -28.08 -9.41 2.43
C PRO C 238 -26.93 -8.58 1.96
N SER C 239 -25.97 -9.21 1.29
CA SER C 239 -24.86 -8.49 0.65
C SER C 239 -24.68 -8.99 -0.79
N ARG C 240 -23.61 -8.54 -1.42
CA ARG C 240 -23.39 -8.81 -2.82
C ARG C 240 -23.23 -10.30 -3.12
N ARG C 241 -22.47 -11.05 -2.30
CA ARG C 241 -22.30 -12.49 -2.59
C ARG C 241 -23.67 -13.21 -2.61
N GLY C 242 -24.55 -12.76 -1.73
CA GLY C 242 -25.90 -13.30 -1.62
C GLY C 242 -26.68 -13.20 -2.92
N ASP C 243 -26.62 -12.04 -3.58
CA ASP C 243 -27.31 -11.86 -4.84
C ASP C 243 -26.76 -12.84 -5.91
N LEU C 244 -25.46 -13.03 -5.92
CA LEU C 244 -24.82 -13.91 -6.88
C LEU C 244 -25.17 -15.39 -6.60
N GLU C 245 -25.30 -15.74 -5.33
CA GLU C 245 -25.75 -17.06 -4.93
C GLU C 245 -27.19 -17.33 -5.38
N ILE C 246 -28.06 -16.33 -5.15
CA ILE C 246 -29.44 -16.38 -5.60
C ILE C 246 -29.49 -16.65 -7.14
N LEU C 247 -28.67 -15.94 -7.91
CA LEU C 247 -28.65 -16.15 -9.35
C LEU C 247 -28.19 -17.60 -9.66
N GLY C 248 -27.22 -18.11 -8.91
CA GLY C 248 -26.80 -19.52 -9.00
C GLY C 248 -27.96 -20.50 -8.90
N TYR C 249 -28.80 -20.32 -7.89
CA TYR C 249 -29.96 -21.20 -7.68
C TYR C 249 -30.99 -21.04 -8.79
N CYS C 250 -31.29 -19.80 -9.19
CA CYS C 250 -32.09 -19.55 -10.41
C CYS C 250 -31.59 -20.30 -11.66
N MET C 251 -30.28 -20.26 -11.92
CA MET C 251 -29.74 -20.90 -13.11
C MET C 251 -30.04 -22.41 -13.08
N ILE C 252 -29.80 -23.05 -11.94
CA ILE C 252 -30.10 -24.48 -11.83
C ILE C 252 -31.59 -24.78 -12.02
N GLN C 253 -32.45 -24.03 -11.32
CA GLN C 253 -33.88 -24.11 -11.45
C GLN C 253 -34.34 -23.97 -12.90
N TRP C 254 -33.77 -23.01 -13.63
CA TRP C 254 -34.18 -22.78 -15.01
C TRP C 254 -33.69 -23.91 -15.95
N LEU C 255 -32.46 -24.38 -15.75
CA LEU C 255 -31.88 -25.43 -16.57
C LEU C 255 -32.59 -26.78 -16.35
N THR C 256 -33.00 -27.06 -15.12
CA THR C 256 -33.42 -28.42 -14.74
C THR C 256 -34.87 -28.58 -14.38
N GLY C 257 -35.58 -27.48 -14.13
CA GLY C 257 -36.94 -27.51 -13.60
C GLY C 257 -37.11 -27.71 -12.08
N HIS C 258 -36.01 -27.90 -11.35
CA HIS C 258 -36.03 -28.29 -9.94
C HIS C 258 -34.85 -27.72 -9.15
N LEU C 259 -35.03 -27.77 -7.85
CA LEU C 259 -33.93 -27.60 -6.89
C LEU C 259 -34.10 -28.69 -5.84
N PRO C 260 -32.98 -29.17 -5.29
CA PRO C 260 -33.02 -30.36 -4.38
C PRO C 260 -33.91 -30.20 -3.14
N TRP C 261 -34.03 -28.97 -2.63
CA TRP C 261 -34.77 -28.68 -1.38
C TRP C 261 -36.22 -28.31 -1.59
N GLU C 262 -36.70 -28.36 -2.84
CA GLU C 262 -38.07 -27.93 -3.19
C GLU C 262 -39.19 -28.75 -2.55
N ASP C 263 -38.87 -29.97 -2.15
CA ASP C 263 -39.82 -30.86 -1.49
C ASP C 263 -40.17 -30.45 -0.05
N ASN C 264 -39.40 -29.57 0.60
CA ASN C 264 -39.80 -29.13 1.93
C ASN C 264 -39.42 -27.66 2.25
N LEU C 265 -40.05 -26.77 1.49
CA LEU C 265 -39.83 -25.33 1.61
C LEU C 265 -40.50 -24.80 2.86
N LYS C 266 -41.39 -25.59 3.49
CA LYS C 266 -42.00 -25.22 4.74
C LYS C 266 -41.08 -25.49 5.93
N ASP C 267 -39.87 -26.03 5.71
CA ASP C 267 -38.92 -26.36 6.77
C ASP C 267 -37.61 -25.60 6.50
N PRO C 268 -37.55 -24.31 6.89
CA PRO C 268 -36.37 -23.53 6.49
C PRO C 268 -35.03 -24.06 7.04
N LYS C 269 -35.01 -24.73 8.19
CA LYS C 269 -33.74 -25.32 8.67
C LYS C 269 -33.21 -26.40 7.72
N TYR C 270 -34.11 -27.15 7.11
CA TYR C 270 -33.78 -28.14 6.09
C TYR C 270 -33.23 -27.49 4.84
N VAL C 271 -33.90 -26.42 4.39
CA VAL C 271 -33.48 -25.69 3.20
C VAL C 271 -32.07 -25.15 3.43
N ARG C 272 -31.84 -24.48 4.55
CA ARG C 272 -30.50 -23.97 4.84
C ARG C 272 -29.46 -25.09 4.94
N ASP C 273 -29.81 -26.16 5.65
CA ASP C 273 -28.90 -27.31 5.77
C ASP C 273 -28.45 -27.81 4.39
N SER C 274 -29.41 -28.03 3.48
CA SER C 274 -29.11 -28.53 2.12
C SER C 274 -28.21 -27.55 1.36
N LYS C 275 -28.53 -26.26 1.40
CA LYS C 275 -27.70 -25.26 0.73
C LYS C 275 -26.28 -25.22 1.27
N ILE C 276 -26.13 -25.30 2.59
CA ILE C 276 -24.80 -25.34 3.18
C ILE C 276 -24.04 -26.59 2.71
N ARG C 277 -24.68 -27.74 2.76
CA ARG C 277 -24.03 -29.00 2.38
C ARG C 277 -23.64 -29.00 0.88
N TYR C 278 -24.52 -28.49 0.02
CA TYR C 278 -24.22 -28.36 -1.39
C TYR C 278 -23.24 -27.23 -1.77
N ARG C 279 -23.10 -26.23 -0.92
CA ARG C 279 -21.99 -25.28 -1.08
C ARG C 279 -20.63 -25.92 -0.71
N GLU C 280 -20.61 -26.69 0.37
CA GLU C 280 -19.36 -27.36 0.76
C GLU C 280 -18.99 -28.44 -0.29
N ASN C 281 -19.96 -29.04 -0.95
CA ASN C 281 -19.70 -30.07 -1.97
C ASN C 281 -20.47 -29.79 -3.24
N ILE C 282 -19.92 -28.92 -4.07
CA ILE C 282 -20.64 -28.45 -5.26
C ILE C 282 -20.73 -29.57 -6.32
N ALA C 283 -19.72 -30.44 -6.37
CA ALA C 283 -19.77 -31.63 -7.25
C ALA C 283 -21.02 -32.46 -6.95
N SER C 284 -21.31 -32.66 -5.66
CA SER C 284 -22.55 -33.35 -5.28
C SER C 284 -23.80 -32.62 -5.72
N LEU C 285 -23.77 -31.29 -5.71
CA LEU C 285 -24.90 -30.54 -6.26
C LEU C 285 -25.10 -30.79 -7.76
N MET C 286 -24.03 -30.74 -8.50
CA MET C 286 -24.09 -30.94 -9.95
C MET C 286 -24.61 -32.38 -10.25
N ASP C 287 -24.15 -33.36 -9.49
CA ASP C 287 -24.64 -34.76 -9.63
C ASP C 287 -26.12 -34.92 -9.28
N LYS C 288 -26.58 -34.22 -8.24
CA LYS C 288 -27.98 -34.29 -7.86
C LYS C 288 -28.87 -33.67 -8.89
N CYS C 289 -28.43 -32.57 -9.50
CA CYS C 289 -29.31 -31.77 -10.32
C CYS C 289 -29.28 -32.12 -11.82
N PHE C 290 -28.17 -32.67 -12.29
CA PHE C 290 -27.96 -32.97 -13.71
C PHE C 290 -27.65 -34.47 -13.96
N PRO C 291 -28.23 -35.05 -15.04
CA PRO C 291 -27.84 -36.43 -15.44
C PRO C 291 -26.38 -36.51 -15.84
N ALA C 292 -25.82 -37.70 -15.72
CA ALA C 292 -24.46 -37.95 -16.11
C ALA C 292 -24.19 -37.32 -17.47
N ALA C 293 -23.05 -36.66 -17.56
CA ALA C 293 -22.58 -35.96 -18.75
C ALA C 293 -23.35 -34.68 -19.15
N ASN C 294 -24.36 -34.29 -18.36
CA ASN C 294 -25.18 -33.12 -18.66
C ASN C 294 -24.83 -31.91 -17.80
N ALA C 295 -23.99 -32.07 -16.78
CA ALA C 295 -23.64 -30.95 -15.88
C ALA C 295 -22.81 -29.91 -16.62
N PRO C 296 -23.39 -28.71 -16.83
CA PRO C 296 -22.60 -27.62 -17.45
C PRO C 296 -21.47 -27.13 -16.53
N GLY C 297 -20.23 -27.20 -17.03
CA GLY C 297 -19.04 -26.91 -16.25
C GLY C 297 -19.02 -25.49 -15.69
N GLU C 298 -19.56 -24.55 -16.46
CA GLU C 298 -19.61 -23.14 -16.07
C GLU C 298 -20.49 -22.86 -14.82
N ILE C 299 -21.54 -23.65 -14.64
CA ILE C 299 -22.41 -23.48 -13.52
C ILE C 299 -21.64 -23.81 -12.24
N ALA C 300 -20.92 -24.92 -12.26
CA ALA C 300 -20.13 -25.33 -11.12
C ALA C 300 -19.02 -24.31 -10.86
N LYS C 301 -18.39 -23.84 -11.94
CA LYS C 301 -17.31 -22.83 -11.82
C LYS C 301 -17.85 -21.50 -11.23
N TYR C 302 -19.02 -21.07 -11.68
CA TYR C 302 -19.73 -19.93 -11.09
C TYR C 302 -19.92 -20.11 -9.57
N MET C 303 -20.47 -21.24 -9.15
N MET C 303 -20.48 -21.24 -9.15
CA MET C 303 -20.73 -21.45 -7.72
CA MET C 303 -20.75 -21.47 -7.73
C MET C 303 -19.48 -21.53 -6.89
C MET C 303 -19.49 -21.54 -6.90
N GLU C 304 -18.42 -22.13 -7.44
CA GLU C 304 -17.12 -22.17 -6.75
C GLU C 304 -16.55 -20.78 -6.54
N THR C 305 -16.73 -19.93 -7.52
CA THR C 305 -16.19 -18.57 -7.45
C THR C 305 -16.97 -17.77 -6.41
N VAL C 306 -18.29 -17.93 -6.43
CA VAL C 306 -19.14 -17.27 -5.44
C VAL C 306 -18.85 -17.76 -4.04
N LYS C 307 -18.58 -19.07 -3.90
CA LYS C 307 -18.23 -19.63 -2.59
C LYS C 307 -17.00 -18.96 -1.95
N LEU C 308 -16.07 -18.51 -2.75
CA LEU C 308 -14.84 -17.91 -2.25
C LEU C 308 -15.02 -16.43 -1.84
N LEU C 309 -16.20 -15.83 -2.09
CA LEU C 309 -16.45 -14.45 -1.67
C LEU C 309 -16.72 -14.32 -0.18
N ASP C 310 -16.04 -13.40 0.49
CA ASP C 310 -16.40 -13.02 1.86
C ASP C 310 -17.61 -12.10 1.84
N TYR C 311 -18.20 -11.94 3.02
CA TYR C 311 -19.43 -11.18 3.16
C TYR C 311 -19.34 -9.76 2.62
N THR C 312 -18.22 -9.08 2.86
CA THR C 312 -18.07 -7.67 2.41
C THR C 312 -17.33 -7.52 1.10
N GLU C 313 -16.94 -8.62 0.47
CA GLU C 313 -16.04 -8.58 -0.66
C GLU C 313 -16.71 -8.15 -1.95
N LYS C 314 -16.03 -7.31 -2.70
CA LYS C 314 -16.47 -6.94 -4.05
C LYS C 314 -16.26 -8.10 -5.03
N PRO C 315 -17.32 -8.57 -5.70
CA PRO C 315 -17.16 -9.60 -6.71
C PRO C 315 -16.36 -9.09 -7.92
N LEU C 316 -15.69 -10.03 -8.58
CA LEU C 316 -15.07 -9.77 -9.87
C LEU C 316 -16.09 -10.16 -10.95
N TYR C 317 -16.99 -9.23 -11.25
CA TYR C 317 -18.12 -9.49 -12.14
C TYR C 317 -17.67 -9.88 -13.56
N GLU C 318 -16.57 -9.28 -14.06
CA GLU C 318 -16.10 -9.62 -15.42
C GLU C 318 -15.62 -11.06 -15.50
N ASN C 319 -14.91 -11.50 -14.47
CA ASN C 319 -14.53 -12.92 -14.31
C ASN C 319 -15.74 -13.85 -14.29
N LEU C 320 -16.79 -13.48 -13.55
CA LEU C 320 -18.02 -14.28 -13.55
C LEU C 320 -18.66 -14.35 -14.93
N ARG C 321 -18.66 -13.23 -15.66
CA ARG C 321 -19.26 -13.23 -17.00
C ARG C 321 -18.38 -14.11 -17.94
N ASP C 322 -17.07 -14.05 -17.77
CA ASP C 322 -16.15 -14.89 -18.56
C ASP C 322 -16.33 -16.36 -18.30
N ILE C 323 -16.58 -16.71 -17.03
CA ILE C 323 -16.97 -18.08 -16.71
C ILE C 323 -18.19 -18.48 -17.54
N LEU C 324 -19.23 -17.65 -17.57
CA LEU C 324 -20.41 -17.99 -18.31
C LEU C 324 -20.19 -18.01 -19.83
N LEU C 325 -19.29 -17.16 -20.32
CA LEU C 325 -18.97 -17.16 -21.75
C LEU C 325 -18.40 -18.50 -22.20
N GLN C 326 -17.62 -19.16 -21.36
CA GLN C 326 -17.06 -20.47 -21.68
C GLN C 326 -18.15 -21.48 -21.99
N GLY C 327 -19.31 -21.34 -21.34
CA GLY C 327 -20.48 -22.16 -21.62
C GLY C 327 -21.08 -21.91 -22.99
N LEU C 328 -21.13 -20.65 -23.39
CA LEU C 328 -21.58 -20.31 -24.74
C LEU C 328 -20.62 -20.88 -25.77
N LYS C 329 -19.32 -20.77 -25.50
CA LYS C 329 -18.31 -21.37 -26.33
C LYS C 329 -18.53 -22.88 -26.46
N ALA C 330 -18.73 -23.56 -25.32
CA ALA C 330 -18.93 -25.01 -25.29
C ALA C 330 -20.08 -25.47 -26.17
N ILE C 331 -21.13 -24.67 -26.28
CA ILE C 331 -22.26 -25.01 -27.17
C ILE C 331 -22.15 -24.43 -28.60
N GLY C 332 -20.95 -23.99 -28.99
CA GLY C 332 -20.71 -23.48 -30.34
C GLY C 332 -21.42 -22.17 -30.59
N SER C 333 -21.36 -21.26 -29.60
CA SER C 333 -22.05 -19.99 -29.70
C SER C 333 -21.19 -18.85 -29.18
N LYS C 334 -21.83 -17.69 -29.07
CA LYS C 334 -21.19 -16.48 -28.60
C LYS C 334 -22.22 -15.61 -27.88
N ASP C 335 -21.73 -14.61 -27.15
CA ASP C 335 -22.61 -13.61 -26.56
C ASP C 335 -23.02 -12.65 -27.65
N ASP C 336 -24.17 -12.93 -28.22
CA ASP C 336 -24.75 -12.15 -29.30
C ASP C 336 -26.07 -11.53 -28.86
N GLY C 337 -26.33 -11.51 -27.55
CA GLY C 337 -27.55 -10.90 -27.00
C GLY C 337 -28.84 -11.61 -27.26
N LYS C 338 -28.77 -12.84 -27.79
CA LYS C 338 -29.96 -13.59 -28.18
C LYS C 338 -30.50 -14.45 -27.02
N LEU C 339 -31.66 -14.10 -26.48
CA LEU C 339 -32.23 -14.84 -25.36
C LEU C 339 -32.90 -16.14 -25.79
N ASP C 340 -33.26 -16.25 -27.08
CA ASP C 340 -33.91 -17.46 -27.62
C ASP C 340 -35.16 -17.86 -26.88
N LEU C 341 -35.97 -16.88 -26.50
CA LEU C 341 -37.30 -17.14 -26.02
C LEU C 341 -38.21 -17.18 -27.27
N PHE D 23 29.25 -35.89 -4.73
CA PHE D 23 29.13 -34.90 -5.86
C PHE D 23 30.16 -33.77 -5.72
N ALA D 24 31.03 -33.60 -6.73
CA ALA D 24 32.07 -32.58 -6.69
C ALA D 24 31.49 -31.20 -7.00
N VAL D 25 32.11 -30.16 -6.43
CA VAL D 25 31.73 -28.77 -6.69
C VAL D 25 32.00 -28.45 -8.15
N GLY D 26 31.02 -27.88 -8.85
CA GLY D 26 31.12 -27.64 -10.28
C GLY D 26 30.63 -28.77 -11.18
N GLU D 27 30.46 -29.99 -10.62
CA GLU D 27 29.95 -31.14 -11.40
C GLU D 27 28.62 -30.82 -12.07
N ILE D 28 28.48 -31.22 -13.33
CA ILE D 28 27.33 -30.87 -14.15
C ILE D 28 26.35 -32.05 -14.22
N ILE D 29 25.07 -31.73 -14.03
CA ILE D 29 23.99 -32.73 -14.09
C ILE D 29 22.88 -32.23 -15.01
N THR D 30 22.16 -33.17 -15.59
CA THR D 30 21.20 -32.89 -16.67
C THR D 30 19.85 -33.47 -16.31
N ASP D 31 18.81 -32.67 -16.55
CA ASP D 31 17.50 -33.04 -16.07
C ASP D 31 16.65 -33.56 -17.25
N MET D 32 15.40 -33.90 -16.94
CA MET D 32 14.50 -34.47 -17.94
C MET D 32 14.04 -33.53 -19.03
N ALA D 33 14.24 -32.21 -18.84
CA ALA D 33 14.07 -31.24 -19.93
C ALA D 33 15.38 -30.92 -20.65
N ALA D 34 16.42 -31.73 -20.40
CA ALA D 34 17.76 -31.54 -20.97
C ALA D 34 18.48 -30.25 -20.54
N ALA D 35 18.00 -29.62 -19.47
CA ALA D 35 18.68 -28.46 -18.86
C ALA D 35 19.81 -28.94 -17.95
N ALA D 36 20.91 -28.21 -17.98
CA ALA D 36 22.12 -28.56 -17.27
C ALA D 36 22.23 -27.70 -16.01
N TRP D 37 22.65 -28.31 -14.91
CA TRP D 37 22.74 -27.64 -13.61
C TRP D 37 24.13 -27.90 -13.08
N LYS D 38 24.69 -26.88 -12.41
CA LYS D 38 25.98 -26.98 -11.71
C LYS D 38 25.74 -27.09 -10.21
N VAL D 39 26.42 -28.05 -9.58
CA VAL D 39 26.37 -28.26 -8.14
C VAL D 39 27.32 -27.24 -7.49
N GLY D 40 27.04 -26.88 -6.24
CA GLY D 40 27.94 -26.08 -5.40
C GLY D 40 28.17 -26.80 -4.09
N LEU D 41 28.42 -26.02 -3.02
CA LEU D 41 28.74 -26.59 -1.69
C LEU D 41 27.59 -27.40 -1.08
N PRO D 42 27.91 -28.46 -0.31
CA PRO D 42 26.85 -29.13 0.48
C PRO D 42 26.23 -28.24 1.60
N ILE D 43 25.05 -28.63 2.11
CA ILE D 43 24.33 -27.88 3.17
C ILE D 43 23.38 -28.76 3.99
N CYS D 50 22.02 -36.57 0.32
CA CYS D 50 22.12 -35.25 0.93
C CYS D 50 21.84 -34.10 -0.07
N ILE D 51 22.04 -32.85 0.36
CA ILE D 51 21.59 -31.66 -0.35
C ILE D 51 22.74 -30.68 -0.58
N TYR D 52 22.79 -30.08 -1.78
CA TYR D 52 23.84 -29.10 -2.13
C TYR D 52 23.21 -27.90 -2.75
N LEU D 53 23.90 -26.76 -2.72
CA LEU D 53 23.47 -25.58 -3.49
C LEU D 53 23.60 -25.89 -4.98
N ALA D 54 22.86 -25.15 -5.79
CA ALA D 54 22.77 -25.44 -7.20
C ALA D 54 22.30 -24.23 -7.96
N ASP D 55 22.63 -24.21 -9.26
CA ASP D 55 22.20 -23.14 -10.15
C ASP D 55 22.31 -23.63 -11.61
N MET D 56 21.64 -22.90 -12.49
CA MET D 56 21.70 -23.12 -13.95
C MET D 56 23.15 -23.01 -14.42
N ASN D 57 23.56 -23.85 -15.37
CA ASN D 57 24.94 -23.83 -15.89
C ASN D 57 25.14 -22.62 -16.81
N SER D 61 30.58 -19.82 -11.67
CA SER D 61 30.35 -20.93 -10.74
C SER D 61 29.36 -20.61 -9.58
N VAL D 62 28.94 -21.64 -8.84
CA VAL D 62 27.78 -21.55 -7.91
C VAL D 62 28.08 -20.75 -6.62
N GLY D 63 27.42 -19.60 -6.47
CA GLY D 63 27.62 -18.71 -5.32
C GLY D 63 27.18 -19.24 -3.97
N SER D 64 27.40 -18.43 -2.93
CA SER D 64 26.88 -18.64 -1.58
C SER D 64 25.41 -18.23 -1.51
N ASP D 65 24.98 -17.38 -2.44
CA ASP D 65 23.57 -16.96 -2.55
C ASP D 65 22.86 -17.66 -3.75
N ALA D 66 23.19 -18.94 -3.98
CA ALA D 66 22.54 -19.76 -5.01
C ALA D 66 21.00 -19.77 -4.83
N PRO D 67 20.23 -19.62 -5.91
CA PRO D 67 18.77 -19.60 -5.79
C PRO D 67 18.13 -21.01 -5.69
N CYS D 68 18.91 -22.08 -5.91
CA CYS D 68 18.38 -23.45 -5.89
C CYS D 68 19.25 -24.35 -5.07
N VAL D 69 18.72 -25.53 -4.79
CA VAL D 69 19.45 -26.62 -4.20
C VAL D 69 19.17 -27.89 -5.00
N VAL D 70 20.01 -28.89 -4.78
CA VAL D 70 19.85 -30.18 -5.40
C VAL D 70 19.84 -31.23 -4.31
N LYS D 71 18.75 -32.00 -4.28
CA LYS D 71 18.62 -33.14 -3.35
C LYS D 71 18.93 -34.37 -4.16
N VAL D 72 19.74 -35.26 -3.60
CA VAL D 72 20.24 -36.41 -4.32
C VAL D 72 20.24 -37.64 -3.41
N GLU D 73 19.85 -38.77 -3.99
CA GLU D 73 19.64 -40.04 -3.29
C GLU D 73 19.82 -41.17 -4.34
N PRO D 74 20.14 -42.42 -3.91
CA PRO D 74 20.18 -43.52 -4.91
C PRO D 74 18.88 -43.73 -5.71
N SER D 75 19.01 -44.16 -6.96
CA SER D 75 17.86 -44.45 -7.83
C SER D 75 17.08 -45.66 -7.34
N PRO D 79 11.94 -42.42 -1.26
CA PRO D 79 11.53 -41.12 -0.68
C PRO D 79 11.68 -39.97 -1.67
N LEU D 80 12.83 -39.85 -2.32
CA LEU D 80 12.96 -38.81 -3.33
C LEU D 80 12.02 -39.05 -4.53
N PHE D 81 11.79 -40.33 -4.86
CA PHE D 81 10.82 -40.71 -5.90
C PHE D 81 9.39 -40.37 -5.50
N THR D 82 9.05 -40.63 -4.24
CA THR D 82 7.76 -40.25 -3.67
C THR D 82 7.56 -38.75 -3.85
N GLU D 83 8.58 -38.00 -3.44
CA GLU D 83 8.59 -36.56 -3.57
C GLU D 83 8.41 -36.09 -5.02
N LEU D 84 9.14 -36.72 -5.94
CA LEU D 84 9.04 -36.35 -7.36
C LEU D 84 7.63 -36.53 -7.91
N LYS D 85 6.97 -37.64 -7.57
CA LYS D 85 5.60 -37.87 -8.00
C LYS D 85 4.62 -36.86 -7.39
N PHE D 86 4.83 -36.52 -6.11
CA PHE D 86 4.02 -35.45 -5.46
C PHE D 86 4.11 -34.14 -6.25
N TYR D 87 5.32 -33.67 -6.49
CA TYR D 87 5.47 -32.39 -7.16
C TYR D 87 4.89 -32.37 -8.58
N GLN D 88 5.11 -33.46 -9.31
CA GLN D 88 4.61 -33.57 -10.69
C GLN D 88 3.09 -33.62 -10.76
N ARG D 89 2.45 -34.29 -9.81
CA ARG D 89 1.01 -34.41 -9.83
C ARG D 89 0.30 -33.18 -9.20
N ALA D 90 0.82 -32.69 -8.07
CA ALA D 90 0.07 -31.82 -7.15
C ALA D 90 0.59 -30.42 -6.99
N ALA D 91 1.83 -30.16 -7.41
CA ALA D 91 2.53 -28.93 -7.10
C ALA D 91 3.31 -28.36 -8.26
N LYS D 92 2.74 -28.45 -9.46
CA LYS D 92 3.29 -27.70 -10.59
C LYS D 92 3.06 -26.20 -10.38
N PRO D 93 3.96 -25.36 -10.92
CA PRO D 93 3.84 -23.90 -10.76
C PRO D 93 2.48 -23.29 -11.03
N GLU D 94 1.81 -23.75 -12.09
CA GLU D 94 0.50 -23.22 -12.47
C GLU D 94 -0.62 -23.64 -11.51
N GLN D 95 -0.48 -24.78 -10.85
CA GLN D 95 -1.46 -25.20 -9.82
C GLN D 95 -1.33 -24.30 -8.60
N ILE D 96 -0.09 -24.05 -8.18
CA ILE D 96 0.20 -23.18 -7.05
C ILE D 96 -0.29 -21.74 -7.32
N GLN D 97 0.04 -21.19 -8.50
CA GLN D 97 -0.42 -19.84 -8.85
C GLN D 97 -1.92 -19.73 -8.97
N LYS D 98 -2.58 -20.74 -9.53
CA LYS D 98 -4.05 -20.74 -9.56
C LYS D 98 -4.65 -20.69 -8.14
N TRP D 99 -4.13 -21.51 -7.23
CA TRP D 99 -4.58 -21.48 -5.85
C TRP D 99 -4.33 -20.12 -5.17
N ILE D 100 -3.12 -19.57 -5.31
CA ILE D 100 -2.82 -18.26 -4.73
C ILE D 100 -3.84 -17.18 -5.21
N ARG D 101 -4.09 -17.20 -6.51
CA ARG D 101 -5.01 -16.23 -7.16
C ARG D 101 -6.52 -16.39 -6.74
N THR D 102 -7.02 -17.63 -6.78
CA THR D 102 -8.41 -17.89 -6.42
C THR D 102 -8.68 -17.74 -4.92
N ARG D 103 -7.73 -18.13 -4.06
CA ARG D 103 -7.93 -18.04 -2.61
CA ARG D 103 -7.91 -18.04 -2.60
C ARG D 103 -7.42 -16.70 -2.07
N LYS D 104 -6.89 -15.85 -2.96
CA LYS D 104 -6.46 -14.50 -2.61
C LYS D 104 -5.39 -14.49 -1.53
N LEU D 105 -4.37 -15.33 -1.68
CA LEU D 105 -3.34 -15.43 -0.68
C LEU D 105 -2.19 -14.48 -1.03
N LYS D 106 -1.44 -14.05 -0.04
CA LYS D 106 -0.20 -13.31 -0.27
C LYS D 106 0.90 -14.19 -0.84
N TYR D 107 0.94 -15.45 -0.39
CA TYR D 107 1.88 -16.44 -0.91
C TYR D 107 1.33 -17.82 -0.52
N LEU D 108 1.95 -18.88 -1.02
CA LEU D 108 1.68 -20.25 -0.54
C LEU D 108 3.00 -20.97 -0.30
N GLY D 109 3.18 -21.51 0.90
CA GLY D 109 4.42 -22.15 1.29
C GLY D 109 4.67 -23.57 0.78
N VAL D 110 4.43 -23.80 -0.50
CA VAL D 110 4.84 -25.04 -1.16
C VAL D 110 6.03 -24.67 -2.03
N PRO D 111 7.13 -25.42 -1.92
CA PRO D 111 8.29 -25.06 -2.70
C PRO D 111 8.11 -25.20 -4.20
N LYS D 112 8.92 -24.45 -4.93
CA LYS D 112 9.09 -24.60 -6.38
C LYS D 112 10.05 -25.74 -6.74
N TYR D 113 9.54 -26.69 -7.53
CA TYR D 113 10.28 -27.80 -8.10
C TYR D 113 10.76 -27.31 -9.47
N TRP D 114 12.07 -27.41 -9.70
CA TRP D 114 12.71 -26.88 -10.91
C TRP D 114 13.01 -27.96 -11.96
N GLY D 115 13.30 -29.17 -11.53
CA GLY D 115 13.55 -30.28 -12.44
C GLY D 115 14.10 -31.49 -11.72
N SER D 116 14.18 -32.60 -12.45
CA SER D 116 14.67 -33.85 -11.91
C SER D 116 15.50 -34.62 -12.94
N GLY D 117 16.40 -35.45 -12.46
CA GLY D 117 17.16 -36.28 -13.37
C GLY D 117 17.86 -37.43 -12.71
N LEU D 118 18.79 -37.99 -13.46
CA LEU D 118 19.65 -39.05 -13.00
C LEU D 118 21.09 -38.60 -13.20
N HIS D 119 21.98 -39.14 -12.38
CA HIS D 119 23.43 -38.93 -12.49
C HIS D 119 24.15 -40.17 -11.98
N ASP D 120 24.88 -40.84 -12.86
CA ASP D 120 25.73 -41.98 -12.48
C ASP D 120 27.10 -41.39 -12.14
N LYS D 121 27.53 -41.50 -10.87
CA LYS D 121 28.80 -40.89 -10.41
C LYS D 121 29.59 -41.82 -9.47
N ASN D 122 30.86 -42.06 -9.81
CA ASN D 122 31.76 -43.00 -9.10
C ASN D 122 31.25 -44.46 -9.10
N GLY D 123 30.65 -44.89 -10.22
CA GLY D 123 30.12 -46.25 -10.38
C GLY D 123 28.63 -46.44 -10.13
N LYS D 124 28.08 -45.70 -9.15
CA LYS D 124 26.67 -45.86 -8.71
C LYS D 124 25.73 -44.84 -9.39
N SER D 125 24.43 -45.17 -9.43
CA SER D 125 23.37 -44.30 -9.98
C SER D 125 22.55 -43.55 -8.89
N TYR D 126 22.28 -42.27 -9.17
CA TYR D 126 21.59 -41.37 -8.24
C TYR D 126 20.42 -40.67 -8.92
N ARG D 127 19.34 -40.42 -8.17
CA ARG D 127 18.27 -39.54 -8.63
C ARG D 127 18.48 -38.18 -7.98
N PHE D 128 18.08 -37.13 -8.66
CA PHE D 128 18.17 -35.81 -8.06
C PHE D 128 16.94 -34.98 -8.34
N MET D 129 16.69 -34.02 -7.45
CA MET D 129 15.65 -33.03 -7.67
C MET D 129 16.22 -31.67 -7.38
N ILE D 130 15.93 -30.71 -8.23
CA ILE D 130 16.34 -29.32 -8.04
C ILE D 130 15.15 -28.55 -7.46
N MET D 131 15.36 -27.90 -6.33
CA MET D 131 14.29 -27.18 -5.56
C MET D 131 14.73 -25.77 -5.22
N ASP D 132 13.78 -24.93 -4.78
CA ASP D 132 14.10 -23.60 -4.20
C ASP D 132 15.12 -23.74 -3.09
N ARG D 133 16.08 -22.80 -3.05
CA ARG D 133 16.94 -22.58 -1.88
C ARG D 133 16.18 -21.65 -0.93
N PHE D 134 16.11 -22.08 0.32
CA PHE D 134 15.43 -21.31 1.36
C PHE D 134 16.40 -20.74 2.38
N GLY D 135 15.85 -19.95 3.30
CA GLY D 135 16.57 -19.46 4.49
C GLY D 135 16.60 -20.49 5.59
N SER D 136 16.47 -19.99 6.82
CA SER D 136 16.64 -20.82 8.00
C SER D 136 15.45 -21.75 8.19
N ASP D 137 15.71 -22.93 8.76
CA ASP D 137 14.61 -23.77 9.27
C ASP D 137 14.12 -23.17 10.59
N LEU D 138 12.89 -23.51 10.98
CA LEU D 138 12.31 -22.99 12.22
C LEU D 138 12.90 -23.58 13.49
N GLN D 139 13.36 -24.82 13.44
CA GLN D 139 13.94 -25.51 14.58
C GLN D 139 15.20 -24.78 15.10
N LYS D 140 16.04 -24.28 14.19
CA LYS D 140 17.22 -23.45 14.57
C LYS D 140 16.77 -22.18 15.32
N ILE D 141 15.77 -21.49 14.78
CA ILE D 141 15.29 -20.24 15.38
C ILE D 141 14.64 -20.51 16.75
N TYR D 142 13.83 -21.57 16.81
CA TYR D 142 13.22 -22.07 18.06
C TYR D 142 14.25 -22.28 19.18
N GLU D 143 15.28 -23.06 18.87
CA GLU D 143 16.34 -23.34 19.83
C GLU D 143 17.11 -22.09 20.26
N ALA D 144 17.30 -21.17 19.32
CA ALA D 144 17.98 -19.91 19.60
C ALA D 144 17.10 -19.01 20.49
N ASN D 145 15.80 -19.25 20.51
CA ASN D 145 14.85 -18.49 21.33
C ASN D 145 14.52 -19.25 22.63
N ALA D 146 15.45 -20.08 23.10
CA ALA D 146 15.28 -20.92 24.31
C ALA D 146 14.06 -21.85 24.23
N LYS D 147 13.82 -22.39 23.02
CA LYS D 147 12.69 -23.30 22.76
C LYS D 147 11.31 -22.78 23.10
N ARG D 148 11.04 -21.54 22.71
CA ARG D 148 9.68 -21.02 22.69
C ARG D 148 9.45 -20.22 21.43
N PHE D 149 8.22 -20.23 20.95
CA PHE D 149 7.72 -19.18 20.10
C PHE D 149 6.57 -18.58 20.86
N SER D 150 6.36 -17.29 20.65
CA SER D 150 5.23 -16.57 21.25
C SER D 150 3.90 -17.06 20.74
N ARG D 151 2.85 -16.78 21.48
CA ARG D 151 1.50 -17.09 21.03
C ARG D 151 1.22 -16.46 19.65
N LYS D 152 1.59 -15.19 19.46
CA LYS D 152 1.43 -14.50 18.16
C LYS D 152 2.07 -15.30 17.03
N THR D 153 3.35 -15.63 17.25
CA THR D 153 4.15 -16.32 16.26
C THR D 153 3.53 -17.69 15.90
N VAL D 154 3.15 -18.44 16.94
CA VAL D 154 2.61 -19.76 16.72
C VAL D 154 1.34 -19.71 15.89
N LEU D 155 0.45 -18.77 16.22
CA LEU D 155 -0.79 -18.61 15.49
C LEU D 155 -0.54 -18.16 14.03
N GLN D 156 0.44 -17.29 13.82
CA GLN D 156 0.74 -16.82 12.46
C GLN D 156 1.39 -17.95 11.61
N LEU D 157 2.30 -18.71 12.23
CA LEU D 157 2.86 -19.89 11.60
C LEU D 157 1.75 -20.86 11.21
N SER D 158 0.86 -21.16 12.15
CA SER D 158 -0.17 -22.15 11.94
C SER D 158 -1.20 -21.78 10.92
N LEU D 159 -1.55 -20.51 10.80
CA LEU D 159 -2.45 -20.05 9.74
C LEU D 159 -1.90 -20.35 8.32
N ARG D 160 -0.61 -20.12 8.16
CA ARG D 160 0.06 -20.34 6.87
C ARG D 160 0.29 -21.83 6.62
N ILE D 161 0.53 -22.60 7.69
CA ILE D 161 0.59 -24.06 7.56
C ILE D 161 -0.80 -24.62 7.18
N LEU D 162 -1.87 -24.10 7.78
CA LEU D 162 -3.22 -24.46 7.31
C LEU D 162 -3.47 -24.21 5.80
N ASP D 163 -2.93 -23.10 5.28
CA ASP D 163 -3.02 -22.80 3.85
C ASP D 163 -2.33 -23.94 3.05
N ILE D 164 -1.12 -24.31 3.46
CA ILE D 164 -0.35 -25.35 2.81
C ILE D 164 -1.09 -26.69 2.88
N LEU D 165 -1.55 -27.03 4.08
CA LEU D 165 -2.27 -28.29 4.27
C LEU D 165 -3.56 -28.37 3.44
N GLU D 166 -4.36 -27.31 3.43
CA GLU D 166 -5.54 -27.31 2.62
C GLU D 166 -5.21 -27.51 1.11
N TYR D 167 -4.18 -26.83 0.63
CA TYR D 167 -3.73 -26.99 -0.75
C TYR D 167 -3.38 -28.46 -1.06
N ILE D 168 -2.50 -29.05 -0.26
CA ILE D 168 -2.05 -30.42 -0.59
C ILE D 168 -3.19 -31.43 -0.45
N HIS D 169 -4.01 -31.28 0.59
CA HIS D 169 -5.16 -32.14 0.80
C HIS D 169 -6.14 -32.08 -0.35
N GLU D 170 -6.40 -30.87 -0.82
CA GLU D 170 -7.25 -30.69 -2.01
C GLU D 170 -6.61 -31.21 -3.30
N HIS D 171 -5.30 -31.45 -3.29
CA HIS D 171 -4.58 -32.08 -4.41
C HIS D 171 -4.21 -33.53 -4.16
N GLU D 172 -4.96 -34.19 -3.28
CA GLU D 172 -4.94 -35.65 -3.05
C GLU D 172 -3.81 -36.18 -2.13
N TYR D 173 -3.08 -35.28 -1.47
CA TYR D 173 -1.92 -35.64 -0.64
C TYR D 173 -1.99 -35.13 0.81
N VAL D 174 -1.40 -35.92 1.68
CA VAL D 174 -1.06 -35.52 3.04
C VAL D 174 0.44 -35.54 3.20
N HIS D 175 0.96 -34.72 4.12
CA HIS D 175 2.41 -34.63 4.36
C HIS D 175 2.97 -35.66 5.37
N GLY D 176 2.30 -35.79 6.50
CA GLY D 176 2.66 -36.74 7.51
C GLY D 176 3.84 -36.44 8.42
N ASP D 177 4.48 -35.30 8.24
CA ASP D 177 5.73 -35.00 8.97
C ASP D 177 5.99 -33.52 9.15
N ILE D 178 4.92 -32.81 9.49
CA ILE D 178 5.05 -31.40 9.81
C ILE D 178 5.87 -31.30 11.14
N LYS D 179 6.90 -30.47 11.09
CA LYS D 179 7.70 -30.13 12.25
C LYS D 179 8.60 -28.94 11.92
N ALA D 180 9.12 -28.31 12.96
CA ALA D 180 9.93 -27.08 12.77
C ALA D 180 11.16 -27.26 11.84
N SER D 181 11.79 -28.43 11.89
CA SER D 181 12.91 -28.74 10.98
C SER D 181 12.51 -28.86 9.50
N ASN D 182 11.23 -29.10 9.24
CA ASN D 182 10.67 -29.12 7.87
C ASN D 182 9.97 -27.84 7.48
N LEU D 183 10.15 -26.78 8.27
CA LEU D 183 9.57 -25.47 7.95
C LEU D 183 10.71 -24.48 7.75
N LEU D 184 10.83 -23.95 6.54
CA LEU D 184 11.94 -23.08 6.15
C LEU D 184 11.40 -21.75 5.71
N LEU D 185 12.10 -20.68 6.09
CA LEU D 185 11.69 -19.35 5.66
C LEU D 185 12.16 -19.07 4.23
N ASN D 186 11.38 -18.25 3.54
CA ASN D 186 11.74 -17.75 2.22
C ASN D 186 13.07 -16.99 2.39
N TYR D 187 14.05 -17.30 1.55
CA TYR D 187 15.39 -16.70 1.59
C TYR D 187 15.35 -15.18 1.50
N LYS D 188 14.39 -14.65 0.74
CA LYS D 188 14.23 -13.22 0.51
C LYS D 188 13.10 -12.59 1.34
N ASN D 189 12.45 -13.36 2.23
CA ASN D 189 11.38 -12.82 3.07
C ASN D 189 11.15 -13.66 4.34
N PRO D 190 11.62 -13.18 5.51
CA PRO D 190 11.45 -13.95 6.75
C PRO D 190 10.03 -14.02 7.34
N ASP D 191 9.02 -13.43 6.71
CA ASP D 191 7.63 -13.62 7.10
C ASP D 191 6.87 -14.68 6.29
N GLN D 192 7.59 -15.40 5.43
CA GLN D 192 6.99 -16.44 4.60
C GLN D 192 7.64 -17.77 4.98
N VAL D 193 6.81 -18.71 5.46
CA VAL D 193 7.28 -20.04 5.83
C VAL D 193 6.77 -21.08 4.79
N TYR D 194 7.64 -22.00 4.45
CA TYR D 194 7.40 -23.07 3.48
C TYR D 194 7.54 -24.41 4.16
N LEU D 195 6.67 -25.36 3.81
CA LEU D 195 6.79 -26.70 4.32
C LEU D 195 7.57 -27.54 3.29
N VAL D 196 8.61 -28.22 3.72
CA VAL D 196 9.47 -29.01 2.82
C VAL D 196 9.43 -30.48 3.20
N ASP D 197 10.09 -31.29 2.37
CA ASP D 197 10.28 -32.72 2.54
C ASP D 197 8.98 -33.53 2.42
N TYR D 198 8.62 -33.85 1.18
CA TYR D 198 7.43 -34.63 0.91
C TYR D 198 7.77 -36.08 0.74
N GLY D 199 8.88 -36.54 1.34
CA GLY D 199 9.33 -37.93 1.15
C GLY D 199 8.48 -38.97 1.87
N LEU D 200 7.67 -38.57 2.83
CA LEU D 200 6.66 -39.48 3.44
C LEU D 200 5.28 -39.13 2.97
N ALA D 201 5.15 -38.26 1.97
CA ALA D 201 3.84 -37.79 1.59
C ALA D 201 3.05 -38.98 1.01
N TYR D 202 1.75 -38.91 1.15
CA TYR D 202 0.91 -40.01 0.83
C TYR D 202 -0.30 -39.51 0.04
N ARG D 203 -0.56 -40.20 -1.07
CA ARG D 203 -1.66 -39.89 -1.93
C ARG D 203 -2.90 -40.61 -1.39
N TYR D 204 -3.57 -39.93 -0.47
CA TYR D 204 -4.63 -40.51 0.37
C TYR D 204 -5.98 -40.60 -0.39
N CYS D 205 -6.13 -39.84 -1.48
CA CYS D 205 -7.40 -39.71 -2.17
C CYS D 205 -7.26 -39.74 -3.71
N PRO D 206 -6.66 -40.81 -4.28
CA PRO D 206 -6.49 -40.83 -5.77
C PRO D 206 -7.84 -40.74 -6.48
N GLU D 207 -7.98 -39.71 -7.31
CA GLU D 207 -9.21 -39.47 -8.10
C GLU D 207 -10.45 -39.37 -7.26
N GLY D 208 -10.30 -38.75 -6.09
CA GLY D 208 -11.37 -38.56 -5.19
C GLY D 208 -11.84 -39.76 -4.42
N VAL D 209 -11.13 -40.89 -4.45
CA VAL D 209 -11.53 -42.05 -3.67
C VAL D 209 -10.56 -42.17 -2.48
N HIS D 210 -11.10 -42.01 -1.28
CA HIS D 210 -10.29 -42.04 -0.07
C HIS D 210 -9.85 -43.47 0.23
N LYS D 211 -8.56 -43.62 0.54
CA LYS D 211 -8.01 -44.83 1.15
C LYS D 211 -8.87 -45.31 2.30
N ALA D 212 -9.21 -46.61 2.29
CA ALA D 212 -10.00 -47.16 3.39
C ALA D 212 -9.13 -47.36 4.64
N TYR D 213 -9.74 -47.18 5.80
CA TYR D 213 -9.09 -47.33 7.08
C TYR D 213 -8.62 -48.78 7.23
N ALA D 214 -7.33 -48.98 7.50
CA ALA D 214 -6.82 -50.30 7.81
C ALA D 214 -5.45 -50.16 8.51
N ALA D 215 -5.25 -50.99 9.53
CA ALA D 215 -3.99 -50.98 10.31
C ALA D 215 -3.06 -51.98 9.66
N ASP D 216 -1.91 -51.53 9.22
CA ASP D 216 -0.89 -52.34 8.57
C ASP D 216 0.38 -52.33 9.49
N PRO D 217 0.79 -53.52 10.01
CA PRO D 217 1.98 -53.57 10.90
C PRO D 217 3.25 -53.00 10.30
N LYS D 218 3.38 -53.05 8.99
CA LYS D 218 4.51 -52.41 8.32
C LYS D 218 4.50 -50.86 8.43
N ARG D 219 3.35 -50.25 8.74
CA ARG D 219 3.24 -48.79 8.85
C ARG D 219 3.38 -48.21 10.27
N CYS D 220 3.29 -49.06 11.29
CA CYS D 220 3.21 -48.60 12.66
C CYS D 220 4.36 -47.68 13.02
N HIS D 221 4.01 -46.51 13.56
CA HIS D 221 4.96 -45.51 14.03
C HIS D 221 5.72 -44.78 12.95
N ASP D 222 5.20 -44.73 11.72
CA ASP D 222 5.73 -43.83 10.72
C ASP D 222 5.60 -42.35 11.18
N GLY D 223 6.49 -41.54 10.67
CA GLY D 223 6.60 -40.13 11.00
C GLY D 223 7.67 -39.90 12.06
N THR D 224 7.62 -38.72 12.68
CA THR D 224 8.55 -38.33 13.70
C THR D 224 7.80 -38.62 14.99
N ILE D 225 8.33 -39.55 15.78
CA ILE D 225 7.60 -40.19 16.86
C ILE D 225 6.92 -39.17 17.81
N GLU D 226 7.58 -38.06 18.12
CA GLU D 226 6.98 -37.17 19.12
C GLU D 226 5.79 -36.40 18.58
N PHE D 227 5.78 -36.17 17.26
CA PHE D 227 4.72 -35.40 16.61
C PHE D 227 3.69 -36.24 15.82
N THR D 228 3.97 -37.52 15.53
CA THR D 228 3.16 -38.26 14.57
C THR D 228 1.73 -38.53 15.08
N SER D 229 0.82 -38.84 14.17
CA SER D 229 -0.57 -39.05 14.51
C SER D 229 -0.79 -40.40 15.16
N ILE D 230 -1.83 -40.45 16.00
CA ILE D 230 -2.36 -41.74 16.51
C ILE D 230 -2.56 -42.78 15.37
N ASP D 231 -3.15 -42.32 14.26
CA ASP D 231 -3.32 -43.14 13.06
C ASP D 231 -1.98 -43.78 12.65
N ALA D 232 -0.94 -42.98 12.51
CA ALA D 232 0.39 -43.47 12.13
C ALA D 232 0.94 -44.46 13.17
N HIS D 233 0.71 -44.20 14.47
CA HIS D 233 1.13 -45.09 15.54
C HIS D 233 0.45 -46.44 15.41
N ASN D 234 -0.79 -46.41 14.93
CA ASN D 234 -1.63 -47.60 14.77
C ASN D 234 -1.33 -48.37 13.45
N GLY D 235 -0.42 -47.88 12.62
CA GLY D 235 -0.15 -48.41 11.28
C GLY D 235 -1.18 -48.09 10.22
N VAL D 236 -1.95 -47.03 10.45
CA VAL D 236 -2.98 -46.62 9.51
C VAL D 236 -2.32 -45.60 8.59
N ALA D 237 -2.53 -45.75 7.29
CA ALA D 237 -2.01 -44.79 6.32
C ALA D 237 -2.48 -43.38 6.69
N PRO D 238 -1.60 -42.41 6.53
CA PRO D 238 -1.97 -41.06 6.99
C PRO D 238 -3.13 -40.43 6.16
N SER D 239 -3.94 -39.64 6.84
CA SER D 239 -5.01 -38.89 6.20
C SER D 239 -5.04 -37.44 6.73
N ARG D 240 -6.09 -36.70 6.36
CA ARG D 240 -6.12 -35.27 6.62
C ARG D 240 -6.15 -34.98 8.13
N ARG D 241 -6.92 -35.73 8.90
CA ARG D 241 -6.97 -35.47 10.34
C ARG D 241 -5.59 -35.64 10.99
N GLY D 242 -4.79 -36.62 10.49
CA GLY D 242 -3.44 -36.82 10.97
C GLY D 242 -2.55 -35.61 10.80
N ASP D 243 -2.58 -34.96 9.66
CA ASP D 243 -1.78 -33.77 9.43
C ASP D 243 -2.14 -32.65 10.43
N LEU D 244 -3.45 -32.50 10.69
CA LEU D 244 -3.92 -31.45 11.61
C LEU D 244 -3.55 -31.79 13.04
N GLU D 245 -3.59 -33.09 13.38
CA GLU D 245 -3.15 -33.55 14.71
C GLU D 245 -1.66 -33.26 14.95
N ILE D 246 -0.86 -33.58 13.95
CA ILE D 246 0.57 -33.31 13.99
C ILE D 246 0.82 -31.81 14.23
N LEU D 247 0.11 -30.95 13.48
CA LEU D 247 0.23 -29.52 13.66
C LEU D 247 -0.15 -29.11 15.10
N GLY D 248 -1.18 -29.74 15.66
CA GLY D 248 -1.54 -29.48 17.06
C GLY D 248 -0.42 -29.73 18.05
N TYR D 249 0.23 -30.88 17.93
CA TYR D 249 1.36 -31.22 18.78
C TYR D 249 2.50 -30.24 18.58
N CYS D 250 2.78 -29.86 17.33
CA CYS D 250 3.80 -28.86 17.06
C CYS D 250 3.46 -27.51 17.77
N MET D 251 2.23 -27.06 17.70
CA MET D 251 1.82 -25.80 18.33
C MET D 251 2.07 -25.86 19.84
N ILE D 252 1.71 -26.99 20.47
CA ILE D 252 1.94 -27.13 21.95
C ILE D 252 3.41 -27.13 22.30
N GLN D 253 4.19 -27.89 21.54
CA GLN D 253 5.63 -27.91 21.64
C GLN D 253 6.27 -26.51 21.51
N TRP D 254 5.84 -25.77 20.52
CA TRP D 254 6.33 -24.41 20.30
C TRP D 254 5.96 -23.42 21.41
N LEU D 255 4.72 -23.51 21.88
CA LEU D 255 4.23 -22.62 22.93
C LEU D 255 4.87 -22.88 24.29
N THR D 256 5.14 -24.15 24.62
CA THR D 256 5.50 -24.56 25.97
C THR D 256 6.91 -25.11 26.13
N GLY D 257 7.60 -25.43 25.03
CA GLY D 257 8.88 -26.08 25.07
C GLY D 257 8.87 -27.59 25.25
N HIS D 258 7.68 -28.20 25.43
CA HIS D 258 7.57 -29.60 25.83
C HIS D 258 6.34 -30.30 25.24
N LEU D 259 6.40 -31.63 25.26
CA LEU D 259 5.23 -32.49 25.12
C LEU D 259 5.22 -33.53 26.22
N PRO D 260 4.03 -33.99 26.65
CA PRO D 260 3.95 -34.91 27.78
C PRO D 260 4.75 -36.19 27.65
N TRP D 261 4.89 -36.69 26.42
CA TRP D 261 5.50 -38.01 26.16
C TRP D 261 6.98 -37.92 25.82
N GLU D 262 7.56 -36.72 25.91
CA GLU D 262 8.91 -36.50 25.42
C GLU D 262 10.02 -37.22 26.23
N ASP D 263 9.73 -37.72 27.41
CA ASP D 263 10.76 -38.41 28.20
C ASP D 263 10.83 -39.93 27.93
N ASN D 264 9.99 -40.44 27.04
CA ASN D 264 10.08 -41.84 26.72
C ASN D 264 9.75 -42.11 25.25
N LEU D 265 10.48 -41.38 24.40
CA LEU D 265 10.33 -41.50 22.95
C LEU D 265 10.89 -42.80 22.37
N LYS D 266 11.69 -43.52 23.18
CA LYS D 266 12.19 -44.84 22.84
C LYS D 266 11.16 -45.96 23.06
N ASP D 267 10.00 -45.65 23.64
CA ASP D 267 8.91 -46.60 23.79
C ASP D 267 7.72 -46.14 22.93
N PRO D 268 7.61 -46.67 21.70
CA PRO D 268 6.59 -46.13 20.79
C PRO D 268 5.17 -46.41 21.27
N LYS D 269 4.96 -47.56 21.91
CA LYS D 269 3.68 -47.91 22.50
C LYS D 269 3.23 -46.93 23.60
N TYR D 270 4.16 -46.50 24.46
CA TYR D 270 3.92 -45.46 25.47
C TYR D 270 3.52 -44.11 24.83
N VAL D 271 4.21 -43.72 23.77
CA VAL D 271 3.90 -42.45 23.08
C VAL D 271 2.50 -42.51 22.46
N ARG D 272 2.21 -43.63 21.82
CA ARG D 272 0.89 -43.83 21.18
C ARG D 272 -0.22 -43.79 22.26
N ASP D 273 0.02 -44.51 23.35
CA ASP D 273 -0.95 -44.58 24.45
C ASP D 273 -1.20 -43.26 25.18
N SER D 274 -0.14 -42.51 25.37
CA SER D 274 -0.20 -41.18 25.95
C SER D 274 -1.04 -40.22 25.07
N LYS D 275 -0.74 -40.19 23.77
CA LYS D 275 -1.57 -39.43 22.80
C LYS D 275 -3.04 -39.82 22.84
N ILE D 276 -3.30 -41.12 22.91
CA ILE D 276 -4.67 -41.62 22.97
C ILE D 276 -5.36 -41.11 24.24
N ARG D 277 -4.64 -41.20 25.37
CA ARG D 277 -5.15 -40.71 26.65
C ARG D 277 -5.47 -39.22 26.60
N TYR D 278 -4.61 -38.46 25.95
CA TYR D 278 -4.77 -37.00 25.85
C TYR D 278 -5.73 -36.52 24.77
N ARG D 279 -6.08 -37.40 23.85
CA ARG D 279 -7.20 -37.17 22.95
C ARG D 279 -8.49 -37.49 23.68
N GLU D 280 -8.50 -38.59 24.41
CA GLU D 280 -9.66 -38.95 25.23
C GLU D 280 -10.01 -37.83 26.24
N ASN D 281 -9.01 -37.21 26.85
CA ASN D 281 -9.23 -36.14 27.81
C ASN D 281 -8.36 -34.91 27.51
N ILE D 282 -8.88 -34.05 26.65
CA ILE D 282 -8.16 -32.87 26.19
C ILE D 282 -8.00 -31.87 27.32
N ALA D 283 -8.96 -31.80 28.24
CA ALA D 283 -8.80 -30.95 29.43
C ALA D 283 -7.54 -31.33 30.20
N SER D 284 -7.28 -32.62 30.31
CA SER D 284 -6.07 -33.08 31.01
C SER D 284 -4.80 -32.73 30.24
N LEU D 285 -4.88 -32.73 28.90
CA LEU D 285 -3.76 -32.25 28.07
C LEU D 285 -3.49 -30.78 28.35
N MET D 286 -4.54 -29.96 28.40
CA MET D 286 -4.32 -28.55 28.63
C MET D 286 -3.74 -28.36 30.06
N ASP D 287 -4.25 -29.10 31.05
CA ASP D 287 -3.70 -29.04 32.45
C ASP D 287 -2.24 -29.43 32.50
N LYS D 288 -1.88 -30.49 31.79
CA LYS D 288 -0.50 -30.97 31.76
C LYS D 288 0.47 -30.00 31.12
N CYS D 289 0.06 -29.44 29.99
CA CYS D 289 0.94 -28.60 29.18
C CYS D 289 1.01 -27.12 29.55
N PHE D 290 -0.08 -26.56 30.06
CA PHE D 290 -0.14 -25.13 30.38
C PHE D 290 -0.45 -24.90 31.86
N PRO D 291 0.05 -23.79 32.45
CA PRO D 291 -0.37 -23.38 33.82
C PRO D 291 -1.85 -23.11 33.82
N ALA D 292 -2.53 -23.32 34.95
CA ALA D 292 -3.97 -23.06 35.02
C ALA D 292 -4.31 -21.63 34.57
N ALA D 293 -3.42 -20.66 34.86
CA ALA D 293 -3.66 -19.23 34.53
C ALA D 293 -3.49 -18.86 33.05
N ASN D 294 -2.46 -19.41 32.38
CA ASN D 294 -2.16 -19.10 30.98
C ASN D 294 -2.36 -20.30 30.02
N ALA D 295 -3.62 -20.70 29.83
CA ALA D 295 -4.02 -21.81 28.96
C ALA D 295 -4.78 -21.32 27.70
N PRO D 296 -4.11 -21.25 26.53
CA PRO D 296 -4.79 -20.66 25.36
C PRO D 296 -5.97 -21.49 24.88
N GLY D 297 -7.16 -20.91 24.96
CA GLY D 297 -8.40 -21.55 24.57
C GLY D 297 -8.52 -22.02 23.11
N GLU D 298 -7.83 -21.31 22.22
CA GLU D 298 -7.81 -21.68 20.80
C GLU D 298 -7.12 -23.03 20.55
N ILE D 299 -6.10 -23.35 21.34
CA ILE D 299 -5.40 -24.62 21.23
C ILE D 299 -6.33 -25.75 21.65
N ALA D 300 -7.07 -25.57 22.75
CA ALA D 300 -8.03 -26.59 23.20
C ALA D 300 -9.15 -26.76 22.18
N LYS D 301 -9.73 -25.68 21.64
CA LYS D 301 -10.78 -25.82 20.62
C LYS D 301 -10.20 -26.51 19.35
N TYR D 302 -8.97 -26.14 18.97
CA TYR D 302 -8.26 -26.78 17.85
C TYR D 302 -8.16 -28.32 18.06
N MET D 303 -7.66 -28.74 19.22
CA MET D 303 -7.51 -30.16 19.53
C MET D 303 -8.87 -30.88 19.58
N GLU D 304 -9.89 -30.21 20.10
CA GLU D 304 -11.25 -30.76 20.11
C GLU D 304 -11.80 -30.95 18.69
N THR D 305 -11.54 -30.00 17.81
CA THR D 305 -12.01 -30.05 16.45
C THR D 305 -11.32 -31.18 15.69
N VAL D 306 -10.03 -31.37 15.94
CA VAL D 306 -9.28 -32.49 15.34
C VAL D 306 -9.82 -33.84 15.85
N LYS D 307 -10.09 -33.91 17.16
CA LYS D 307 -10.65 -35.14 17.78
C LYS D 307 -11.97 -35.60 17.12
N LEU D 308 -12.76 -34.62 16.76
CA LEU D 308 -14.04 -34.85 16.11
C LEU D 308 -13.94 -35.37 14.68
N LEU D 309 -12.77 -35.27 14.05
CA LEU D 309 -12.66 -35.69 12.65
C LEU D 309 -12.61 -37.20 12.53
N ASP D 310 -13.43 -37.77 11.65
CA ASP D 310 -13.27 -39.16 11.26
C ASP D 310 -12.15 -39.31 10.27
N TYR D 311 -11.69 -40.54 10.11
CA TYR D 311 -10.52 -40.82 9.30
C TYR D 311 -10.62 -40.31 7.89
N THR D 312 -11.79 -40.47 7.26
CA THR D 312 -11.98 -40.03 5.87
C THR D 312 -12.60 -38.65 5.75
N GLU D 313 -12.92 -38.00 6.88
CA GLU D 313 -13.63 -36.73 6.88
C GLU D 313 -12.83 -35.52 6.32
N LYS D 314 -13.49 -34.71 5.50
CA LYS D 314 -12.91 -33.48 5.04
C LYS D 314 -12.98 -32.44 6.17
N PRO D 315 -11.82 -31.91 6.60
CA PRO D 315 -11.87 -30.86 7.62
C PRO D 315 -12.59 -29.60 7.12
N LEU D 316 -13.25 -28.88 8.03
CA LEU D 316 -13.78 -27.56 7.72
C LEU D 316 -12.68 -26.60 8.06
N TYR D 317 -11.86 -26.28 7.04
CA TYR D 317 -10.63 -25.52 7.24
C TYR D 317 -10.93 -24.09 7.70
N GLU D 318 -12.04 -23.52 7.22
CA GLU D 318 -12.41 -22.16 7.63
C GLU D 318 -12.71 -22.08 9.12
N ASN D 319 -13.32 -23.13 9.68
CA ASN D 319 -13.61 -23.25 11.11
C ASN D 319 -12.26 -23.28 11.88
N LEU D 320 -11.28 -24.06 11.40
CA LEU D 320 -9.99 -24.13 12.09
C LEU D 320 -9.25 -22.79 12.07
N ARG D 321 -9.31 -22.15 10.92
CA ARG D 321 -8.73 -20.82 10.74
C ARG D 321 -9.40 -19.83 11.70
N ASP D 322 -10.72 -19.81 11.70
CA ASP D 322 -11.47 -18.94 12.65
C ASP D 322 -11.10 -19.16 14.13
N ILE D 323 -10.92 -20.41 14.53
CA ILE D 323 -10.45 -20.73 15.87
C ILE D 323 -9.12 -20.06 16.14
N LEU D 324 -8.16 -20.21 15.21
CA LEU D 324 -6.84 -19.61 15.43
C LEU D 324 -6.91 -18.07 15.41
N LEU D 325 -7.76 -17.55 14.53
CA LEU D 325 -7.95 -16.10 14.42
C LEU D 325 -8.55 -15.52 15.72
N GLN D 326 -9.45 -16.26 16.37
CA GLN D 326 -9.99 -15.89 17.71
C GLN D 326 -8.88 -15.78 18.76
N GLY D 327 -7.84 -16.62 18.64
CA GLY D 327 -6.62 -16.50 19.43
C GLY D 327 -5.91 -15.17 19.24
N LEU D 328 -5.77 -14.74 17.99
CA LEU D 328 -5.10 -13.47 17.70
C LEU D 328 -5.93 -12.25 18.21
N LYS D 329 -7.25 -12.30 18.06
CA LYS D 329 -8.17 -11.28 18.59
C LYS D 329 -8.07 -11.19 20.09
N ALA D 330 -7.93 -12.35 20.74
CA ALA D 330 -7.90 -12.42 22.18
C ALA D 330 -6.67 -11.75 22.74
N ILE D 331 -5.52 -11.86 22.07
CA ILE D 331 -4.29 -11.18 22.53
C ILE D 331 -4.19 -9.76 21.95
N GLY D 332 -5.25 -9.26 21.33
CA GLY D 332 -5.24 -7.88 20.84
C GLY D 332 -4.45 -7.70 19.56
N SER D 333 -4.47 -8.72 18.70
CA SER D 333 -3.81 -8.63 17.41
C SER D 333 -4.69 -9.03 16.22
N LYS D 334 -4.06 -9.26 15.08
CA LYS D 334 -4.76 -9.55 13.85
C LYS D 334 -3.84 -10.42 13.00
N ASP D 335 -4.44 -11.10 12.04
CA ASP D 335 -3.61 -11.74 10.99
C ASP D 335 -3.10 -10.67 10.02
N ASP D 336 -1.92 -10.17 10.34
CA ASP D 336 -1.19 -9.23 9.55
C ASP D 336 0.04 -9.89 8.89
N GLY D 337 0.07 -11.21 8.81
CA GLY D 337 1.20 -11.93 8.20
C GLY D 337 2.58 -11.77 8.82
N LYS D 338 2.68 -11.18 10.02
CA LYS D 338 3.96 -10.94 10.70
C LYS D 338 4.25 -12.13 11.59
N LEU D 339 5.38 -12.83 11.36
CA LEU D 339 5.69 -14.02 12.13
C LEU D 339 6.34 -13.69 13.45
N ASP D 340 6.87 -12.46 13.57
CA ASP D 340 7.56 -11.97 14.77
C ASP D 340 8.69 -12.88 15.22
N LEU D 341 9.49 -13.33 14.28
CA LEU D 341 10.71 -14.06 14.60
C LEU D 341 11.87 -13.08 14.58
CL CL E . 33.36 35.06 18.52
CL CL F . 7.14 2.01 24.88
C4 E8D G . 20.00 20.40 38.18
C14 E8D G . 16.69 22.57 35.85
C5 E8D G . 18.89 20.83 37.45
C6 E8D G . 20.80 22.68 38.45
C11 E8D G . 13.91 17.84 34.29
C7 E8D G . 19.45 23.18 37.95
C8 E8D G . 18.08 22.56 35.88
C9 E8D G . 15.43 16.64 35.78
C10 E8D G . 14.39 16.66 34.88
C12 E8D G . 14.55 19.01 34.66
C13 E8D G . 15.59 19.03 35.58
N1 E8D G . 17.13 17.75 37.06
N2 E8D G . 19.16 18.19 38.11
C3 E8D G . 20.08 19.05 38.50
N3 E8D G . 17.96 19.96 37.08
C1 E8D G . 16.05 17.84 36.14
C2 E8D G . 18.11 18.66 37.41
N4 E8D G . 20.98 21.34 38.56
N5 E8D G . 18.78 22.19 37.08
O1 E8D G . 21.68 23.49 38.69
F1 E8D G . 14.13 20.17 34.14
O2 E8D G . 12.88 17.89 33.35
F2 E8D G . 13.81 15.48 34.59
C15 E8D G . 16.03 22.90 34.68
C16 E8D G . 16.74 23.21 33.54
C17 E8D G . 18.12 23.19 33.56
C18 E8D G . 18.80 22.86 34.73
CL CL H . 32.78 23.02 -18.70
CL CL I . 24.61 14.20 -6.60
CL CL J . -5.63 25.19 -36.02
C4 E8D K . 14.49 6.81 -31.15
C14 E8D K . 16.69 10.44 -33.30
C5 E8D K . 15.23 7.99 -31.21
C6 E8D K . 13.49 7.21 -33.32
C11 E8D K . 19.03 11.17 -26.87
C7 E8D K . 14.20 8.53 -33.41
C8 E8D K . 15.77 10.14 -32.28
C9 E8D K . 18.25 8.93 -26.48
C10 E8D K . 18.92 10.04 -26.07
C12 E8D K . 18.45 11.14 -28.12
C13 E8D K . 17.77 10.04 -28.56
N1 E8D K . 17.01 7.72 -28.13
N2 E8D K . 15.49 6.28 -29.05
C3 E8D K . 14.66 5.97 -30.05
N3 E8D K . 16.07 8.29 -30.22
C1 E8D K . 17.67 8.92 -27.74
C2 E8D K . 16.16 7.45 -29.16
N4 E8D K . 13.61 6.48 -32.20
N5 E8D K . 15.09 8.87 -32.27
O1 E8D K . 12.83 6.83 -34.28
F1 E8D K . 18.55 12.22 -28.93
O2 E8D K . 19.68 12.28 -26.47
F2 E8D K . 19.48 10.05 -24.84
C15 E8D K . 17.34 11.65 -33.29
C16 E8D K . 17.09 12.59 -32.30
C17 E8D K . 16.16 12.30 -31.32
C18 E8D K . 15.50 11.09 -31.30
S SO4 L . -18.24 -28.37 -20.13
O1 SO4 L . -18.11 -28.75 -18.71
O2 SO4 L . -17.45 -29.45 -20.79
O3 SO4 L . -19.65 -28.32 -20.51
O4 SO4 L . -17.61 -27.06 -20.40
CL CL M . -40.39 -31.99 -14.57
C1 GOL N . -27.77 10.74 1.52
O1 GOL N . -29.13 10.99 1.76
C2 GOL N . -27.37 9.44 2.17
O2 GOL N . -26.23 8.97 1.45
C3 GOL N . -26.96 9.56 3.62
O3 GOL N . -27.18 8.28 4.17
C1 GOL O . -30.47 9.48 3.97
O1 GOL O . -31.56 9.95 3.15
C2 GOL O . -30.89 9.46 5.43
O2 GOL O . -31.67 8.27 5.45
C3 GOL O . -29.68 9.50 6.41
O3 GOL O . -29.95 9.82 7.81
CL CL P . -5.45 -27.70 -10.27
CL CL Q . 12.18 -25.23 29.62
CL CL R . 1.24 -43.44 -7.00
C4 E8D S . 18.79 -24.87 3.02
C14 E8D S . 18.74 -29.48 4.46
C5 E8D S . 18.26 -26.16 3.11
C6 E8D S . 20.48 -25.35 4.70
C11 E8D S . 13.32 -29.36 0.28
C7 E8D S . 19.94 -26.74 4.88
C8 E8D S . 18.02 -28.29 4.40
C9 E8D S . 15.30 -28.36 1.24
C10 E8D S . 14.39 -29.38 1.17
C12 E8D S . 13.18 -28.23 -0.51
C13 E8D S . 14.06 -27.19 -0.48
N1 E8D S . 15.99 -26.11 0.40
N2 E8D S . 17.39 -24.42 1.14
C3 E8D S . 18.32 -24.02 2.01
N3 E8D S . 17.33 -26.55 2.24
C1 E8D S . 15.14 -27.26 0.40
C2 E8D S . 16.92 -25.69 1.30
N4 E8D S . 19.78 -24.48 3.95
N5 E8D S . 18.70 -27.04 4.10
O1 E8D S . 21.54 -25.06 5.22
F1 E8D S . 12.15 -28.15 -1.37
O2 E8D S . 12.44 -30.37 0.26
F2 E8D S . 14.53 -30.45 1.98
C15 E8D S . 18.08 -30.66 4.76
C16 E8D S . 16.72 -30.67 4.98
C17 E8D S . 16.02 -29.49 4.93
C18 E8D S . 16.66 -28.29 4.64
#